data_1SOW
#
_entry.id   1SOW
#
_cell.length_a   140.712
_cell.length_b   140.712
_cell.length_c   74.740
_cell.angle_alpha   90.00
_cell.angle_beta   90.00
_cell.angle_gamma   120.00
#
_symmetry.space_group_name_H-M   'P 3 2 1'
#
loop_
_entity.id
_entity.type
_entity.pdbx_description
1 polymer 'L-lactate dehydrogenase'
2 non-polymer 'OXALATE ION'
3 non-polymer NICOTINAMIDE-ADENINE-DINUCLEOTIDE
4 water water
#
_entity_poly.entity_id   1
_entity_poly.type   'polypeptide(L)'
_entity_poly.pdbx_seq_one_letter_code
;MTGTVSRRKKIAMIGSGMIGGTMGYLCVLRELADVVLFDVVTGMPEGKALDDSQATSIADTNVSVTSANQYEKIAGSDVV
IITAGLTKVPGKSDKEWSRNDLLPFNAKIIREVAQGVKKYCPLAFVIVVTNPLDCMVKCFHEASGLPKNMVCGMANVLDS
ARFRRFIADQLEISPRDIQATVIGTHGDHMLPLARYVTVNGFPLREFIKKGKMTEAKLAEIVERTKKAGGEIVRLLGQGS
AYYAPALSAITMAQAFLKDEKRVLPCSVYCQGEYGLHDMFIGLPAVIGGGGIEQVIELELTHEEQECFRKSVDDVVELNK
SLAALGPG
;
_entity_poly.pdbx_strand_id   A,B
#
loop_
_chem_comp.id
_chem_comp.type
_chem_comp.name
_chem_comp.formula
NAD non-polymer NICOTINAMIDE-ADENINE-DINUCLEOTIDE 'C21 H27 N7 O14 P2'
OXL non-polymer 'OXALATE ION' 'C2 O4 -2'
#
# COMPACT_ATOMS: atom_id res chain seq x y z
N THR A 4 -7.33 28.50 -20.41
CA THR A 4 -6.98 27.16 -19.85
C THR A 4 -8.20 26.37 -19.39
N VAL A 5 -8.51 25.32 -20.12
CA VAL A 5 -9.64 24.45 -19.83
C VAL A 5 -9.33 23.60 -18.57
N SER A 6 -8.15 22.96 -18.55
CA SER A 6 -7.75 22.12 -17.44
C SER A 6 -6.68 22.80 -16.59
N ARG A 7 -7.02 23.23 -15.38
CA ARG A 7 -6.04 23.91 -14.54
C ARG A 7 -5.43 22.96 -13.50
N ARG A 8 -4.20 23.22 -13.10
CA ARG A 8 -3.56 22.36 -12.11
C ARG A 8 -4.19 22.61 -10.76
N LYS A 9 -4.13 21.60 -9.90
CA LYS A 9 -4.63 21.74 -8.56
C LYS A 9 -3.70 22.76 -7.91
N LYS A 10 -4.17 23.36 -6.83
CA LYS A 10 -3.39 24.36 -6.13
C LYS A 10 -3.39 24.09 -4.64
N ILE A 11 -2.20 24.05 -4.03
CA ILE A 11 -2.08 23.82 -2.61
C ILE A 11 -1.33 24.98 -1.99
N ALA A 12 -1.89 25.54 -0.92
CA ALA A 12 -1.28 26.64 -0.22
C ALA A 12 -0.69 26.11 1.06
N MET A 13 0.60 26.36 1.26
CA MET A 13 1.29 25.94 2.46
C MET A 13 1.32 27.18 3.35
N ILE A 14 0.48 27.21 4.38
CA ILE A 14 0.45 28.37 5.29
C ILE A 14 1.48 28.05 6.36
N GLY A 15 2.69 28.56 6.15
CA GLY A 15 3.80 28.25 7.04
C GLY A 15 4.78 27.65 6.04
N SER A 16 5.93 28.31 5.86
CA SER A 16 6.92 27.87 4.91
C SER A 16 8.22 27.48 5.56
N GLY A 17 8.10 26.89 6.74
CA GLY A 17 9.25 26.43 7.49
C GLY A 17 9.68 25.05 7.02
N MET A 18 10.17 24.22 7.94
CA MET A 18 10.66 22.90 7.58
C MET A 18 9.61 22.00 6.92
N ILE A 19 8.45 21.87 7.55
CA ILE A 19 7.40 21.03 6.99
C ILE A 19 6.82 21.66 5.75
N GLY A 20 6.52 22.96 5.80
CA GLY A 20 5.97 23.63 4.64
C GLY A 20 6.83 23.51 3.39
N GLY A 21 8.13 23.75 3.54
CA GLY A 21 9.00 23.67 2.39
C GLY A 21 9.13 22.26 1.82
N THR A 22 9.10 21.28 2.71
CA THR A 22 9.25 19.87 2.33
C THR A 22 8.00 19.41 1.59
N MET A 23 6.85 19.93 1.99
CA MET A 23 5.60 19.58 1.31
C MET A 23 5.61 20.18 -0.07
N GLY A 24 6.19 21.38 -0.21
CA GLY A 24 6.28 21.99 -1.51
C GLY A 24 7.16 21.13 -2.38
N TYR A 25 8.23 20.60 -1.78
CA TYR A 25 9.16 19.71 -2.51
C TYR A 25 8.42 18.44 -2.97
N LEU A 26 7.60 17.85 -2.09
CA LEU A 26 6.86 16.66 -2.49
C LEU A 26 5.94 16.97 -3.67
N CYS A 27 5.38 18.19 -3.70
CA CYS A 27 4.49 18.57 -4.80
C CYS A 27 5.25 18.63 -6.10
N VAL A 28 6.50 19.08 -6.02
CA VAL A 28 7.36 19.18 -7.18
C VAL A 28 7.70 17.77 -7.68
N LEU A 29 8.12 16.89 -6.78
CA LEU A 29 8.50 15.54 -7.16
C LEU A 29 7.35 14.77 -7.79
N ARG A 30 6.16 14.89 -7.23
CA ARG A 30 4.98 14.16 -7.72
C ARG A 30 4.17 14.94 -8.75
N GLU A 31 4.52 16.20 -8.99
CA GLU A 31 3.78 17.08 -9.89
C GLU A 31 2.33 17.06 -9.42
N LEU A 32 2.15 17.15 -8.10
CA LEU A 32 0.83 17.10 -7.50
C LEU A 32 -0.02 18.36 -7.63
N ALA A 33 0.62 19.52 -7.56
CA ALA A 33 -0.13 20.77 -7.61
C ALA A 33 0.81 21.96 -7.60
N ASP A 34 0.29 23.11 -8.01
CA ASP A 34 1.05 24.34 -7.95
C ASP A 34 1.13 24.60 -6.45
N VAL A 35 2.21 25.25 -6.02
CA VAL A 35 2.47 25.50 -4.62
C VAL A 35 2.66 26.98 -4.28
N VAL A 36 1.98 27.42 -3.22
CA VAL A 36 2.17 28.77 -2.71
C VAL A 36 2.76 28.59 -1.35
N LEU A 37 4.00 29.06 -1.17
CA LEU A 37 4.67 28.95 0.11
C LEU A 37 4.40 30.28 0.82
N PHE A 38 3.43 30.25 1.73
CA PHE A 38 3.03 31.45 2.45
C PHE A 38 3.66 31.52 3.83
N ASP A 39 3.93 32.74 4.27
CA ASP A 39 4.55 32.94 5.58
C ASP A 39 4.54 34.42 5.94
N VAL A 40 4.71 34.74 7.21
CA VAL A 40 4.77 36.15 7.63
C VAL A 40 6.22 36.61 7.42
N VAL A 41 7.12 35.65 7.33
CA VAL A 41 8.53 35.92 7.10
C VAL A 41 8.73 36.21 5.62
N THR A 42 9.47 37.26 5.31
CA THR A 42 9.74 37.58 3.92
C THR A 42 11.18 37.16 3.72
N GLY A 43 11.53 36.86 2.48
CA GLY A 43 12.90 36.44 2.21
C GLY A 43 13.02 34.94 2.16
N MET A 44 13.01 34.30 3.33
CA MET A 44 13.15 32.86 3.41
C MET A 44 12.17 32.07 2.53
N PRO A 45 10.87 32.45 2.52
CA PRO A 45 9.93 31.70 1.68
C PRO A 45 10.26 31.81 0.20
N GLU A 46 10.74 32.97 -0.22
CA GLU A 46 11.10 33.15 -1.61
C GLU A 46 12.33 32.30 -1.92
N GLY A 47 13.19 32.10 -0.94
CA GLY A 47 14.38 31.29 -1.16
C GLY A 47 13.98 29.82 -1.38
N LYS A 48 13.07 29.34 -0.55
CA LYS A 48 12.61 27.97 -0.71
C LYS A 48 11.82 27.82 -2.00
N ALA A 49 11.07 28.85 -2.39
CA ALA A 49 10.30 28.80 -3.63
C ALA A 49 11.26 28.69 -4.80
N LEU A 50 12.34 29.46 -4.76
CA LEU A 50 13.32 29.37 -5.85
C LEU A 50 13.95 27.98 -5.88
N ASP A 51 14.31 27.47 -4.71
CA ASP A 51 14.95 26.14 -4.59
C ASP A 51 13.98 25.06 -5.09
N ASP A 52 12.75 25.09 -4.59
CA ASP A 52 11.76 24.09 -5.02
C ASP A 52 11.41 24.21 -6.50
N SER A 53 11.21 25.42 -7.01
CA SER A 53 10.87 25.58 -8.43
C SER A 53 12.05 25.09 -9.30
N GLN A 54 13.28 25.28 -8.84
CA GLN A 54 14.42 24.82 -9.63
C GLN A 54 14.48 23.29 -9.67
N ALA A 55 13.98 22.65 -8.63
CA ALA A 55 13.96 21.19 -8.57
C ALA A 55 13.03 20.60 -9.64
N THR A 56 12.03 21.35 -10.09
CA THR A 56 11.15 20.81 -11.12
C THR A 56 11.93 20.44 -12.38
N SER A 57 12.98 21.20 -12.69
CA SER A 57 13.78 20.89 -13.89
C SER A 57 14.39 19.51 -13.82
N ILE A 58 14.95 19.18 -12.67
CA ILE A 58 15.61 17.87 -12.50
C ILE A 58 14.58 16.78 -12.39
N ALA A 59 13.44 17.09 -11.79
CA ALA A 59 12.35 16.14 -11.63
C ALA A 59 11.63 15.96 -12.97
N ASP A 60 11.90 16.86 -13.91
CA ASP A 60 11.23 16.88 -15.21
C ASP A 60 9.71 17.02 -15.06
N THR A 61 9.30 17.76 -14.04
CA THR A 61 7.87 18.02 -13.84
C THR A 61 7.62 19.49 -14.07
N ASN A 62 6.34 19.88 -14.09
CA ASN A 62 6.04 21.31 -14.25
C ASN A 62 4.90 21.77 -13.35
N VAL A 63 5.25 22.33 -12.20
CA VAL A 63 4.25 22.95 -11.33
C VAL A 63 4.86 24.30 -10.97
N SER A 64 4.01 25.25 -10.60
CA SER A 64 4.51 26.56 -10.23
C SER A 64 4.70 26.66 -8.72
N VAL A 65 5.89 27.08 -8.28
CA VAL A 65 6.12 27.24 -6.84
C VAL A 65 6.48 28.71 -6.62
N THR A 66 5.65 29.39 -5.85
CA THR A 66 5.91 30.80 -5.56
C THR A 66 5.78 31.03 -4.06
N SER A 67 6.18 32.21 -3.59
CA SER A 67 6.08 32.51 -2.16
C SER A 67 5.11 33.68 -2.04
N ALA A 68 4.60 33.90 -0.83
CA ALA A 68 3.67 35.01 -0.63
C ALA A 68 3.59 35.34 0.85
N ASN A 69 3.19 36.57 1.16
CA ASN A 69 3.01 36.93 2.57
C ASN A 69 1.68 37.67 2.72
N GLN A 70 0.91 37.69 1.63
CA GLN A 70 -0.42 38.31 1.58
C GLN A 70 -1.43 37.19 1.27
N TYR A 71 -2.47 37.08 2.10
CA TYR A 71 -3.48 36.06 1.92
C TYR A 71 -4.22 36.05 0.60
N GLU A 72 -4.32 37.20 -0.05
CA GLU A 72 -5.01 37.23 -1.34
C GLU A 72 -4.34 36.23 -2.26
N LYS A 73 -3.07 35.92 -1.97
CA LYS A 73 -2.31 34.99 -2.78
C LYS A 73 -2.77 33.53 -2.69
N ILE A 74 -3.53 33.17 -1.66
CA ILE A 74 -3.96 31.77 -1.56
C ILE A 74 -5.36 31.56 -2.11
N ALA A 75 -5.88 32.56 -2.81
CA ALA A 75 -7.20 32.44 -3.38
C ALA A 75 -7.19 31.32 -4.42
N GLY A 76 -8.25 30.53 -4.45
CA GLY A 76 -8.32 29.45 -5.43
C GLY A 76 -7.60 28.18 -5.00
N SER A 77 -7.11 28.14 -3.77
CA SER A 77 -6.43 26.95 -3.28
C SER A 77 -7.43 25.83 -3.08
N ASP A 78 -7.09 24.64 -3.59
CA ASP A 78 -7.96 23.48 -3.44
C ASP A 78 -7.73 22.90 -2.05
N VAL A 79 -6.47 22.97 -1.62
CA VAL A 79 -6.09 22.47 -0.31
C VAL A 79 -5.18 23.49 0.36
N VAL A 80 -5.32 23.59 1.67
CA VAL A 80 -4.53 24.49 2.50
C VAL A 80 -3.96 23.60 3.59
N ILE A 81 -2.63 23.62 3.76
CA ILE A 81 -1.99 22.82 4.78
C ILE A 81 -1.30 23.81 5.70
N ILE A 82 -1.69 23.76 6.97
CA ILE A 82 -1.21 24.71 7.97
C ILE A 82 -0.19 24.23 8.95
N THR A 83 1.02 24.78 8.83
CA THR A 83 2.12 24.45 9.73
C THR A 83 2.56 25.71 10.50
N ALA A 84 1.92 26.84 10.21
CA ALA A 84 2.23 28.11 10.88
C ALA A 84 2.19 27.93 12.40
N GLY A 85 3.29 28.27 13.07
CA GLY A 85 3.32 28.13 14.51
C GLY A 85 4.71 27.85 15.03
N LEU A 86 4.83 27.73 16.36
CA LEU A 86 6.11 27.43 16.99
C LEU A 86 6.20 25.93 17.19
N THR A 87 7.42 25.40 17.19
CA THR A 87 7.61 23.97 17.40
C THR A 87 7.96 23.72 18.86
N LYS A 88 8.30 24.79 19.58
CA LYS A 88 8.66 24.67 20.98
C LYS A 88 8.50 26.01 21.67
N VAL A 89 8.45 25.98 22.99
CA VAL A 89 8.32 27.20 23.79
C VAL A 89 9.71 27.85 23.77
N PRO A 90 9.79 29.14 23.44
CA PRO A 90 11.10 29.79 23.42
C PRO A 90 11.82 29.61 24.75
N GLY A 91 13.10 29.20 24.68
CA GLY A 91 13.91 29.01 25.89
C GLY A 91 13.87 27.65 26.58
N LYS A 92 12.80 26.89 26.40
CA LYS A 92 12.68 25.59 27.08
C LYS A 92 13.65 24.52 26.59
N SER A 93 14.13 23.70 27.52
CA SER A 93 15.05 22.64 27.17
C SER A 93 14.31 21.58 26.37
N ASP A 94 15.04 20.84 25.54
CA ASP A 94 14.42 19.78 24.74
C ASP A 94 13.83 18.73 25.67
N LYS A 95 14.49 18.53 26.82
CA LYS A 95 14.02 17.54 27.79
C LYS A 95 12.58 17.78 28.19
N GLU A 96 12.19 19.05 28.26
CA GLU A 96 10.84 19.43 28.67
C GLU A 96 9.91 19.78 27.51
N TRP A 97 10.31 19.44 26.28
CA TRP A 97 9.45 19.71 25.13
C TRP A 97 8.07 19.11 25.43
N SER A 98 7.00 19.89 25.22
CA SER A 98 5.65 19.40 25.47
C SER A 98 4.72 20.07 24.45
N ARG A 99 3.95 19.27 23.72
CA ARG A 99 3.08 19.85 22.71
C ARG A 99 2.00 20.75 23.29
N ASN A 100 1.40 20.37 24.41
CA ASN A 100 0.33 21.22 24.95
C ASN A 100 0.84 22.59 25.39
N ASP A 101 2.13 22.72 25.67
CA ASP A 101 2.70 24.01 26.08
C ASP A 101 2.68 25.06 24.96
N LEU A 102 2.47 24.63 23.72
CA LEU A 102 2.46 25.56 22.59
C LEU A 102 1.14 26.29 22.40
N LEU A 103 0.12 25.86 23.15
CA LEU A 103 -1.22 26.44 23.03
C LEU A 103 -1.30 27.96 22.92
N PRO A 104 -0.82 28.68 23.96
CA PRO A 104 -0.89 30.16 23.94
C PRO A 104 -0.15 30.82 22.76
N PHE A 105 0.92 30.20 22.29
CA PHE A 105 1.64 30.78 21.17
C PHE A 105 0.98 30.52 19.80
N ASN A 106 0.44 29.31 19.62
CA ASN A 106 -0.12 28.99 18.32
C ASN A 106 -1.60 29.23 18.08
N ALA A 107 -2.40 29.29 19.15
CA ALA A 107 -3.83 29.53 18.96
C ALA A 107 -4.00 30.85 18.22
N LYS A 108 -3.19 31.82 18.64
CA LYS A 108 -3.21 33.17 18.05
C LYS A 108 -2.96 33.10 16.55
N ILE A 109 -1.94 32.34 16.19
CA ILE A 109 -1.54 32.17 14.81
C ILE A 109 -2.63 31.48 14.01
N ILE A 110 -3.17 30.39 14.55
CA ILE A 110 -4.21 29.63 13.85
C ILE A 110 -5.45 30.52 13.60
N ARG A 111 -5.82 31.32 14.59
CA ARG A 111 -6.97 32.21 14.43
C ARG A 111 -6.72 33.19 13.27
N GLU A 112 -5.49 33.66 13.15
CA GLU A 112 -5.13 34.58 12.08
C GLU A 112 -5.26 33.89 10.73
N VAL A 113 -4.77 32.65 10.66
CA VAL A 113 -4.82 31.87 9.43
C VAL A 113 -6.28 31.60 9.05
N ALA A 114 -7.08 31.27 10.08
CA ALA A 114 -8.50 30.98 9.89
C ALA A 114 -9.19 32.16 9.21
N GLN A 115 -8.82 33.38 9.58
CA GLN A 115 -9.45 34.54 8.97
C GLN A 115 -9.05 34.70 7.52
N GLY A 116 -7.79 34.39 7.20
CA GLY A 116 -7.34 34.49 5.83
C GLY A 116 -8.01 33.45 4.95
N VAL A 117 -8.14 32.24 5.46
CA VAL A 117 -8.78 31.16 4.69
C VAL A 117 -10.26 31.45 4.52
N LYS A 118 -10.93 31.85 5.60
CA LYS A 118 -12.36 32.17 5.48
C LYS A 118 -12.55 33.24 4.40
N LYS A 119 -11.70 34.26 4.42
CA LYS A 119 -11.83 35.32 3.42
C LYS A 119 -11.41 35.01 1.98
N TYR A 120 -10.27 34.32 1.80
CA TYR A 120 -9.79 34.05 0.44
C TYR A 120 -9.97 32.69 -0.23
N CYS A 121 -10.11 31.60 0.54
CA CYS A 121 -10.34 30.30 -0.10
C CYS A 121 -11.16 29.41 0.83
N PRO A 122 -12.39 29.86 1.15
CA PRO A 122 -13.32 29.14 2.03
C PRO A 122 -13.76 27.78 1.50
N LEU A 123 -13.55 27.52 0.21
CA LEU A 123 -13.93 26.23 -0.38
C LEU A 123 -12.79 25.20 -0.33
N ALA A 124 -11.69 25.54 0.32
CA ALA A 124 -10.53 24.64 0.43
C ALA A 124 -10.71 23.48 1.42
N PHE A 125 -9.97 22.39 1.18
CA PHE A 125 -9.97 21.27 2.12
C PHE A 125 -8.79 21.70 3.00
N VAL A 126 -8.98 21.72 4.31
CA VAL A 126 -7.92 22.19 5.21
C VAL A 126 -7.32 21.11 6.08
N ILE A 127 -5.99 21.06 6.07
CA ILE A 127 -5.27 20.09 6.87
C ILE A 127 -4.37 20.87 7.81
N VAL A 128 -4.69 20.83 9.10
CA VAL A 128 -3.92 21.51 10.11
C VAL A 128 -2.83 20.57 10.59
N VAL A 129 -1.62 21.09 10.77
CA VAL A 129 -0.47 20.32 11.24
C VAL A 129 0.01 20.91 12.57
N THR A 130 -0.11 22.22 12.69
CA THR A 130 0.32 22.97 13.87
C THR A 130 -0.09 22.36 15.21
N ASN A 131 0.88 22.21 16.12
CA ASN A 131 0.62 21.67 17.46
C ASN A 131 0.13 22.79 18.41
N PRO A 132 -0.65 22.43 19.46
CA PRO A 132 -1.12 21.08 19.83
C PRO A 132 -2.25 20.74 18.85
N LEU A 133 -1.99 19.74 18.01
CA LEU A 133 -2.89 19.36 16.93
C LEU A 133 -4.39 19.34 17.11
N ASP A 134 -4.89 18.48 17.99
CA ASP A 134 -6.35 18.38 18.15
C ASP A 134 -6.99 19.69 18.57
N CYS A 135 -6.33 20.41 19.47
CA CYS A 135 -6.86 21.70 19.92
C CYS A 135 -6.82 22.71 18.77
N MET A 136 -5.70 22.75 18.03
CA MET A 136 -5.60 23.68 16.91
C MET A 136 -6.61 23.43 15.78
N VAL A 137 -6.95 22.17 15.49
CA VAL A 137 -7.92 21.90 14.42
C VAL A 137 -9.27 22.49 14.83
N LYS A 138 -9.64 22.28 16.09
CA LYS A 138 -10.89 22.83 16.60
C LYS A 138 -10.84 24.35 16.59
N CYS A 139 -9.70 24.91 16.97
CA CYS A 139 -9.53 26.36 16.94
C CYS A 139 -9.72 26.90 15.52
N PHE A 140 -9.10 26.23 14.54
CA PHE A 140 -9.24 26.67 13.15
C PHE A 140 -10.66 26.52 12.64
N HIS A 141 -11.30 25.41 13.00
CA HIS A 141 -12.65 25.16 12.54
C HIS A 141 -13.62 26.22 13.07
N GLU A 142 -13.53 26.51 14.36
CA GLU A 142 -14.40 27.50 15.00
C GLU A 142 -14.25 28.88 14.38
N ALA A 143 -13.00 29.31 14.18
CA ALA A 143 -12.73 30.63 13.63
C ALA A 143 -12.99 30.81 12.13
N SER A 144 -12.83 29.76 11.34
CA SER A 144 -13.00 29.88 9.88
C SER A 144 -14.42 29.67 9.38
N GLY A 145 -15.20 28.92 10.15
CA GLY A 145 -16.57 28.63 9.76
C GLY A 145 -16.67 27.61 8.63
N LEU A 146 -15.57 26.92 8.30
CA LEU A 146 -15.64 25.94 7.21
C LEU A 146 -16.46 24.72 7.60
N PRO A 147 -16.94 23.95 6.60
CA PRO A 147 -17.74 22.75 6.84
C PRO A 147 -16.97 21.73 7.67
N LYS A 148 -17.66 21.04 8.56
CA LYS A 148 -17.04 20.04 9.42
C LYS A 148 -16.28 18.93 8.65
N ASN A 149 -16.73 18.59 7.46
CA ASN A 149 -16.08 17.53 6.68
C ASN A 149 -14.89 18.05 5.87
N MET A 150 -14.63 19.35 5.93
CA MET A 150 -13.54 19.93 5.14
C MET A 150 -12.35 20.43 5.95
N VAL A 151 -12.33 20.08 7.22
CA VAL A 151 -11.26 20.49 8.12
C VAL A 151 -10.81 19.28 8.93
N CYS A 152 -9.51 19.02 8.96
CA CYS A 152 -9.00 17.90 9.75
C CYS A 152 -7.58 18.22 10.18
N GLY A 153 -7.06 17.40 11.06
CA GLY A 153 -5.70 17.61 11.50
C GLY A 153 -4.84 16.39 11.24
N MET A 154 -3.65 16.61 10.70
CA MET A 154 -2.72 15.52 10.45
C MET A 154 -1.98 15.23 11.75
N ALA A 155 -2.02 13.97 12.17
CA ALA A 155 -1.27 13.51 13.32
C ALA A 155 -1.17 11.99 13.31
N ASN A 156 -2.33 11.32 13.40
CA ASN A 156 -2.34 9.87 13.48
C ASN A 156 -1.71 9.12 12.31
N VAL A 157 -1.65 9.73 11.14
CA VAL A 157 -1.00 9.04 10.01
C VAL A 157 0.50 8.96 10.35
N LEU A 158 1.00 10.01 11.00
CA LEU A 158 2.41 10.06 11.40
C LEU A 158 2.65 9.12 12.57
N ASP A 159 1.77 9.17 13.57
CA ASP A 159 1.90 8.28 14.71
C ASP A 159 1.85 6.82 14.26
N SER A 160 0.96 6.55 13.31
CA SER A 160 0.79 5.20 12.78
C SER A 160 2.00 4.79 11.94
N ALA A 161 2.59 5.75 11.23
CA ALA A 161 3.77 5.48 10.40
C ALA A 161 4.91 4.95 11.30
N ARG A 162 5.03 5.52 12.50
CA ARG A 162 6.05 5.09 13.43
C ARG A 162 5.75 3.70 13.95
N PHE A 163 4.51 3.52 14.41
CA PHE A 163 4.03 2.25 14.94
C PHE A 163 4.31 1.16 13.88
N ARG A 164 3.96 1.44 12.64
CA ARG A 164 4.15 0.48 11.53
C ARG A 164 5.63 0.19 11.23
N ARG A 165 6.46 1.22 11.26
CA ARG A 165 7.88 1.04 10.94
C ARG A 165 8.54 0.15 12.01
N PHE A 166 8.23 0.40 13.27
CA PHE A 166 8.81 -0.39 14.36
C PHE A 166 8.39 -1.87 14.25
N ILE A 167 7.12 -2.10 13.96
CA ILE A 167 6.63 -3.46 13.80
C ILE A 167 7.29 -4.09 12.56
N ALA A 168 7.31 -3.36 11.47
CA ALA A 168 7.91 -3.83 10.22
C ALA A 168 9.37 -4.27 10.45
N ASP A 169 10.13 -3.49 11.20
CA ASP A 169 11.53 -3.85 11.46
C ASP A 169 11.61 -5.17 12.25
N GLN A 170 10.73 -5.35 13.21
CA GLN A 170 10.77 -6.58 14.04
C GLN A 170 10.38 -7.83 13.25
N LEU A 171 9.35 -7.72 12.42
CA LEU A 171 8.88 -8.86 11.64
C LEU A 171 9.61 -9.12 10.32
N GLU A 172 10.45 -8.17 9.91
CA GLU A 172 11.19 -8.26 8.64
C GLU A 172 10.23 -8.37 7.45
N ILE A 173 9.30 -7.41 7.46
CA ILE A 173 8.26 -7.29 6.44
C ILE A 173 8.12 -5.81 6.09
N SER A 174 7.83 -5.51 4.84
CA SER A 174 7.68 -4.11 4.45
C SER A 174 6.54 -3.42 5.24
N PRO A 175 6.72 -2.14 5.61
CA PRO A 175 5.65 -1.45 6.35
C PRO A 175 4.38 -1.30 5.49
N ARG A 176 4.50 -1.49 4.17
CA ARG A 176 3.31 -1.43 3.31
C ARG A 176 2.34 -2.50 3.79
N ASP A 177 2.88 -3.62 4.27
CA ASP A 177 2.04 -4.73 4.70
C ASP A 177 1.74 -4.81 6.18
N ILE A 178 2.08 -3.73 6.91
CA ILE A 178 1.75 -3.67 8.33
C ILE A 178 0.66 -2.63 8.50
N GLN A 179 -0.48 -3.03 9.06
CA GLN A 179 -1.56 -2.09 9.31
C GLN A 179 -1.52 -1.94 10.83
N ALA A 180 -1.00 -0.82 11.30
CA ALA A 180 -0.93 -0.55 12.73
C ALA A 180 -1.48 0.86 12.80
N THR A 181 -2.41 1.09 13.71
CA THR A 181 -3.06 2.38 13.82
C THR A 181 -3.02 2.97 15.22
N VAL A 182 -2.80 4.29 15.27
CA VAL A 182 -2.81 5.05 16.51
C VAL A 182 -4.01 5.99 16.35
N ILE A 183 -4.84 6.08 17.39
CA ILE A 183 -5.97 7.01 17.36
C ILE A 183 -5.86 7.84 18.65
N GLY A 184 -6.76 8.81 18.80
CA GLY A 184 -6.74 9.62 20.00
C GLY A 184 -5.97 10.89 19.79
N THR A 185 -5.67 11.59 20.88
CA THR A 185 -4.95 12.84 20.78
C THR A 185 -3.49 12.63 20.40
N HIS A 186 -2.92 13.59 19.66
CA HIS A 186 -1.52 13.52 19.25
C HIS A 186 -0.70 14.00 20.45
N GLY A 187 -0.42 13.07 21.35
CA GLY A 187 0.36 13.40 22.53
C GLY A 187 0.65 12.15 23.32
N ASP A 188 1.12 12.32 24.56
CA ASP A 188 1.46 11.18 25.40
C ASP A 188 0.38 10.15 25.61
N HIS A 189 -0.87 10.55 25.46
CA HIS A 189 -1.98 9.63 25.66
C HIS A 189 -2.56 9.11 24.36
N MET A 190 -1.82 9.24 23.27
CA MET A 190 -2.27 8.70 21.98
C MET A 190 -2.47 7.21 22.23
N LEU A 191 -3.32 6.56 21.42
CA LEU A 191 -3.57 5.15 21.63
C LEU A 191 -3.19 4.24 20.46
N PRO A 192 -2.01 3.57 20.54
CA PRO A 192 -1.55 2.65 19.51
C PRO A 192 -2.43 1.41 19.70
N LEU A 193 -3.28 1.12 18.73
CA LEU A 193 -4.19 -0.02 18.85
C LEU A 193 -3.55 -1.37 18.59
N ALA A 194 -2.88 -1.89 19.61
CA ALA A 194 -2.20 -3.17 19.51
C ALA A 194 -3.09 -4.31 19.06
N ARG A 195 -4.34 -4.34 19.52
CA ARG A 195 -5.22 -5.44 19.15
C ARG A 195 -5.59 -5.42 17.68
N TYR A 196 -5.51 -4.24 17.07
CA TYR A 196 -5.86 -4.11 15.65
C TYR A 196 -4.66 -4.18 14.69
N VAL A 197 -3.48 -4.52 15.20
CA VAL A 197 -2.32 -4.60 14.32
C VAL A 197 -2.39 -5.87 13.49
N THR A 198 -2.26 -5.73 12.17
CA THR A 198 -2.30 -6.89 11.30
C THR A 198 -1.16 -6.88 10.29
N VAL A 199 -0.81 -8.07 9.78
CA VAL A 199 0.18 -8.23 8.72
C VAL A 199 -0.76 -8.67 7.60
N ASN A 200 -1.01 -7.74 6.66
CA ASN A 200 -1.92 -7.99 5.54
C ASN A 200 -3.25 -8.58 6.04
N GLY A 201 -3.80 -7.97 7.09
CA GLY A 201 -5.07 -8.43 7.65
C GLY A 201 -4.98 -9.60 8.62
N PHE A 202 -3.82 -10.24 8.74
CA PHE A 202 -3.63 -11.36 9.66
C PHE A 202 -3.26 -10.79 11.02
N PRO A 203 -4.03 -11.11 12.07
CA PRO A 203 -3.72 -10.57 13.39
C PRO A 203 -2.28 -10.78 13.87
N LEU A 204 -1.70 -9.73 14.42
CA LEU A 204 -0.33 -9.82 14.96
C LEU A 204 -0.24 -10.91 16.03
N ARG A 205 -1.35 -11.13 16.74
CA ARG A 205 -1.37 -12.15 17.79
C ARG A 205 -0.92 -13.50 17.26
N GLU A 206 -1.25 -13.81 16.01
CA GLU A 206 -0.85 -15.09 15.45
C GLU A 206 0.66 -15.13 15.28
N PHE A 207 1.26 -13.97 14.96
CA PHE A 207 2.71 -13.92 14.78
C PHE A 207 3.40 -14.06 16.13
N ILE A 208 2.84 -13.43 17.15
CA ILE A 208 3.42 -13.51 18.49
C ILE A 208 3.40 -14.97 19.00
N LYS A 209 2.29 -15.65 18.80
CA LYS A 209 2.20 -17.03 19.24
C LYS A 209 3.18 -17.90 18.47
N LYS A 210 3.54 -17.50 17.27
CA LYS A 210 4.50 -18.25 16.47
C LYS A 210 5.94 -17.81 16.83
N GLY A 211 6.06 -16.93 17.82
CA GLY A 211 7.38 -16.47 18.25
C GLY A 211 8.11 -15.51 17.33
N LYS A 212 7.38 -14.75 16.51
CA LYS A 212 8.02 -13.80 15.60
C LYS A 212 8.20 -12.45 16.29
N MET A 213 7.49 -12.29 17.41
CA MET A 213 7.57 -11.09 18.22
C MET A 213 7.05 -11.49 19.60
N THR A 214 7.61 -10.90 20.66
CA THR A 214 7.16 -11.22 22.00
C THR A 214 6.20 -10.15 22.49
N GLU A 215 5.40 -10.51 23.48
CA GLU A 215 4.47 -9.56 24.06
C GLU A 215 5.25 -8.37 24.61
N ALA A 216 6.45 -8.63 25.11
CA ALA A 216 7.26 -7.56 25.67
C ALA A 216 7.71 -6.61 24.56
N LYS A 217 8.11 -7.16 23.42
CA LYS A 217 8.55 -6.30 22.32
C LYS A 217 7.38 -5.44 21.87
N LEU A 218 6.20 -6.02 21.81
CA LEU A 218 5.04 -5.26 21.39
C LEU A 218 4.81 -4.05 22.31
N ALA A 219 4.85 -4.31 23.61
CA ALA A 219 4.64 -3.26 24.60
C ALA A 219 5.70 -2.17 24.40
N GLU A 220 6.92 -2.61 24.15
CA GLU A 220 8.02 -1.69 23.93
C GLU A 220 7.74 -0.82 22.71
N ILE A 221 7.23 -1.44 21.65
CA ILE A 221 6.93 -0.69 20.43
C ILE A 221 5.82 0.32 20.66
N VAL A 222 4.84 -0.03 21.49
CA VAL A 222 3.74 0.87 21.76
C VAL A 222 4.24 2.11 22.49
N GLU A 223 5.20 1.90 23.40
CA GLU A 223 5.77 3.01 24.16
C GLU A 223 6.66 3.86 23.26
N ARG A 224 7.43 3.20 22.41
CA ARG A 224 8.30 3.94 21.52
C ARG A 224 7.48 4.82 20.55
N THR A 225 6.33 4.32 20.13
CA THR A 225 5.46 5.08 19.23
C THR A 225 5.03 6.39 19.90
N LYS A 226 4.72 6.31 21.20
CA LYS A 226 4.27 7.49 21.95
C LYS A 226 5.37 8.55 22.09
N LYS A 227 6.59 8.10 22.36
CA LYS A 227 7.75 8.97 22.57
C LYS A 227 8.53 9.37 21.31
N ALA A 228 8.15 8.80 20.16
CA ALA A 228 8.87 9.07 18.93
C ALA A 228 9.11 10.54 18.62
N GLY A 229 8.06 11.36 18.72
CA GLY A 229 8.22 12.77 18.40
C GLY A 229 9.25 13.44 19.31
N GLY A 230 9.21 13.08 20.58
CA GLY A 230 10.13 13.68 21.54
C GLY A 230 11.57 13.22 21.35
N GLU A 231 11.73 11.99 20.91
CA GLU A 231 13.06 11.45 20.68
C GLU A 231 13.72 12.24 19.53
N ILE A 232 12.96 12.46 18.48
CA ILE A 232 13.47 13.22 17.33
C ILE A 232 13.78 14.66 17.76
N VAL A 233 12.95 15.24 18.63
CA VAL A 233 13.19 16.60 19.10
C VAL A 233 14.51 16.61 19.88
N ARG A 234 14.70 15.59 20.72
CA ARG A 234 15.92 15.47 21.54
C ARG A 234 17.16 15.33 20.66
N LEU A 235 17.05 14.46 19.66
CA LEU A 235 18.17 14.20 18.77
C LEU A 235 18.50 15.32 17.78
N LEU A 236 17.49 15.98 17.21
CA LEU A 236 17.80 17.04 16.25
C LEU A 236 18.42 18.27 16.93
N GLY A 237 18.00 18.57 18.14
CA GLY A 237 18.52 19.74 18.84
C GLY A 237 18.06 21.06 18.20
N GLN A 238 17.24 20.99 17.17
CA GLN A 238 16.74 22.19 16.51
C GLN A 238 15.43 21.87 15.76
N GLY A 239 14.32 22.25 16.36
CA GLY A 239 13.04 21.98 15.74
C GLY A 239 12.61 20.53 15.96
N SER A 240 11.60 20.13 15.19
CA SER A 240 11.07 18.79 15.34
C SER A 240 10.99 18.10 13.98
N ALA A 241 10.43 16.90 13.94
CA ALA A 241 10.31 16.12 12.70
C ALA A 241 9.64 16.87 11.55
N TYR A 242 10.08 16.59 10.33
CA TYR A 242 9.47 17.22 9.18
C TYR A 242 9.35 16.34 7.93
N TYR A 243 10.23 15.34 7.75
CA TYR A 243 10.14 14.48 6.55
C TYR A 243 8.88 13.61 6.58
N ALA A 244 8.68 12.88 7.66
CA ALA A 244 7.49 12.03 7.77
C ALA A 244 6.23 12.90 7.94
N PRO A 245 6.31 13.99 8.73
CA PRO A 245 5.12 14.84 8.87
C PRO A 245 4.68 15.39 7.53
N ALA A 246 5.62 15.91 6.76
CA ALA A 246 5.31 16.45 5.43
C ALA A 246 4.65 15.43 4.51
N LEU A 247 5.22 14.23 4.46
CA LEU A 247 4.68 13.19 3.60
C LEU A 247 3.29 12.74 4.10
N SER A 248 3.10 12.73 5.42
CA SER A 248 1.81 12.34 5.97
C SER A 248 0.73 13.31 5.51
N ALA A 249 1.02 14.60 5.63
CA ALA A 249 0.08 15.65 5.26
C ALA A 249 -0.19 15.67 3.77
N ILE A 250 0.85 15.44 2.97
CA ILE A 250 0.69 15.45 1.52
C ILE A 250 -0.08 14.22 1.06
N THR A 251 0.08 13.12 1.77
CA THR A 251 -0.67 11.89 1.43
C THR A 251 -2.16 12.17 1.70
N MET A 252 -2.45 12.92 2.76
CA MET A 252 -3.84 13.30 3.05
C MET A 252 -4.35 14.24 1.98
N ALA A 253 -3.55 15.23 1.60
CA ALA A 253 -3.94 16.17 0.57
C ALA A 253 -4.20 15.46 -0.77
N GLN A 254 -3.33 14.54 -1.14
CA GLN A 254 -3.51 13.82 -2.39
C GLN A 254 -4.79 12.98 -2.42
N ALA A 255 -5.10 12.34 -1.29
CA ALA A 255 -6.30 11.50 -1.16
C ALA A 255 -7.54 12.36 -1.45
N PHE A 256 -7.49 13.63 -1.03
CA PHE A 256 -8.60 14.55 -1.29
C PHE A 256 -8.59 14.98 -2.76
N LEU A 257 -7.45 15.47 -3.22
CA LEU A 257 -7.33 15.96 -4.60
C LEU A 257 -7.71 14.93 -5.66
N LYS A 258 -7.26 13.68 -5.48
CA LYS A 258 -7.52 12.63 -6.46
C LYS A 258 -8.68 11.72 -6.05
N ASP A 259 -9.42 12.11 -5.00
CA ASP A 259 -10.57 11.36 -4.51
C ASP A 259 -10.20 9.89 -4.42
N GLU A 260 -9.17 9.60 -3.64
CA GLU A 260 -8.67 8.22 -3.53
C GLU A 260 -9.41 7.34 -2.55
N LYS A 261 -10.00 7.97 -1.55
CA LYS A 261 -10.77 7.30 -0.48
C LYS A 261 -9.86 6.40 0.35
N ARG A 262 -8.79 7.00 0.87
CA ARG A 262 -7.80 6.29 1.68
C ARG A 262 -8.16 6.37 3.13
N VAL A 263 -7.83 5.30 3.86
CA VAL A 263 -8.04 5.25 5.30
C VAL A 263 -6.77 5.87 5.87
N LEU A 264 -6.95 7.10 6.35
CA LEU A 264 -5.86 7.86 6.92
C LEU A 264 -6.36 8.47 8.22
N PRO A 265 -6.03 7.84 9.36
CA PRO A 265 -6.46 8.33 10.69
C PRO A 265 -6.02 9.77 10.83
N CYS A 266 -6.95 10.63 11.24
CA CYS A 266 -6.62 12.04 11.42
C CYS A 266 -7.63 12.66 12.38
N SER A 267 -7.36 13.89 12.83
CA SER A 267 -8.23 14.56 13.80
C SER A 267 -9.47 15.08 13.07
N VAL A 268 -10.62 14.50 13.40
CA VAL A 268 -11.86 14.87 12.74
C VAL A 268 -12.95 15.35 13.72
N TYR A 269 -13.95 16.04 13.17
CA TYR A 269 -15.07 16.57 13.96
C TYR A 269 -16.00 15.44 14.40
N CYS A 270 -16.29 15.41 15.70
CA CYS A 270 -17.15 14.40 16.27
C CYS A 270 -18.56 14.86 16.58
N GLN A 271 -19.53 14.03 16.23
CA GLN A 271 -20.92 14.30 16.54
C GLN A 271 -21.56 12.96 16.87
N GLY A 272 -21.11 12.40 17.99
CA GLY A 272 -21.62 11.12 18.44
C GLY A 272 -20.66 9.95 18.33
N GLU A 273 -19.75 10.01 17.36
CA GLU A 273 -18.80 8.90 17.21
C GLU A 273 -17.99 8.75 18.49
N TYR A 274 -17.90 7.53 18.99
CA TYR A 274 -17.17 7.26 20.22
C TYR A 274 -17.79 8.09 21.35
N GLY A 275 -19.04 8.46 21.15
CA GLY A 275 -19.77 9.25 22.14
C GLY A 275 -19.23 10.65 22.36
N LEU A 276 -18.47 11.15 21.41
CA LEU A 276 -17.86 12.48 21.51
C LEU A 276 -18.66 13.52 20.73
N HIS A 277 -18.68 14.74 21.26
CA HIS A 277 -19.42 15.84 20.66
C HIS A 277 -18.67 17.17 20.64
N ASP A 278 -18.95 18.00 19.63
CA ASP A 278 -18.35 19.31 19.47
C ASP A 278 -16.85 19.35 19.79
N MET A 279 -16.07 18.59 19.03
CA MET A 279 -14.63 18.53 19.24
C MET A 279 -13.98 17.68 18.15
N PHE A 280 -12.67 17.83 18.01
CA PHE A 280 -11.87 17.08 17.04
C PHE A 280 -10.90 16.19 17.79
N ILE A 281 -10.73 14.97 17.31
CA ILE A 281 -9.76 14.07 17.92
C ILE A 281 -9.37 13.05 16.85
N GLY A 282 -8.18 12.47 16.95
CA GLY A 282 -7.75 11.49 15.97
C GLY A 282 -8.55 10.20 15.95
N LEU A 283 -9.10 9.87 14.79
CA LEU A 283 -9.89 8.66 14.61
C LEU A 283 -9.64 8.09 13.21
N PRO A 284 -9.95 6.80 12.99
CA PRO A 284 -9.74 6.22 11.66
C PRO A 284 -10.77 6.94 10.80
N ALA A 285 -10.39 7.36 9.60
CA ALA A 285 -11.30 8.08 8.70
C ALA A 285 -10.90 7.83 7.28
N VAL A 286 -11.85 8.01 6.37
CA VAL A 286 -11.57 7.85 4.95
C VAL A 286 -11.58 9.23 4.32
N ILE A 287 -10.53 9.55 3.58
CA ILE A 287 -10.41 10.85 2.92
C ILE A 287 -10.55 10.68 1.41
N GLY A 288 -11.45 11.46 0.81
CA GLY A 288 -11.67 11.40 -0.63
C GLY A 288 -12.06 12.79 -1.12
N GLY A 289 -12.63 12.85 -2.32
CA GLY A 289 -13.04 14.11 -2.91
C GLY A 289 -14.12 14.87 -2.13
N GLY A 290 -14.77 14.19 -1.19
CA GLY A 290 -15.77 14.86 -0.38
C GLY A 290 -15.16 15.22 0.97
N GLY A 291 -13.83 15.27 1.04
CA GLY A 291 -13.15 15.58 2.29
C GLY A 291 -13.16 14.37 3.21
N ILE A 292 -13.57 14.55 4.47
CA ILE A 292 -13.66 13.43 5.38
C ILE A 292 -14.99 12.74 5.01
N GLU A 293 -14.90 11.62 4.29
CA GLU A 293 -16.09 10.91 3.83
C GLU A 293 -16.68 9.90 4.81
N GLN A 294 -15.83 9.35 5.68
CA GLN A 294 -16.25 8.35 6.66
C GLN A 294 -15.43 8.49 7.92
N VAL A 295 -16.07 8.34 9.07
CA VAL A 295 -15.36 8.34 10.34
C VAL A 295 -15.62 6.92 10.84
N ILE A 296 -14.56 6.14 10.96
CA ILE A 296 -14.68 4.75 11.36
C ILE A 296 -14.83 4.61 12.87
N GLU A 297 -15.89 3.92 13.28
CA GLU A 297 -16.21 3.69 14.70
C GLU A 297 -15.91 2.25 15.07
N LEU A 298 -14.76 2.03 15.72
CA LEU A 298 -14.33 0.70 16.12
C LEU A 298 -14.99 0.21 17.40
N GLU A 299 -15.19 -1.10 17.48
CA GLU A 299 -15.78 -1.72 18.67
C GLU A 299 -14.67 -1.87 19.72
N LEU A 300 -14.34 -0.76 20.39
CA LEU A 300 -13.28 -0.78 21.41
C LEU A 300 -13.67 -1.58 22.63
N THR A 301 -12.68 -2.25 23.22
CA THR A 301 -12.89 -3.05 24.44
C THR A 301 -12.94 -2.09 25.62
N HIS A 302 -13.34 -2.59 26.78
CA HIS A 302 -13.41 -1.74 27.97
C HIS A 302 -12.04 -1.14 28.26
N GLU A 303 -11.02 -1.99 28.19
CA GLU A 303 -9.66 -1.55 28.44
C GLU A 303 -9.24 -0.46 27.44
N GLU A 304 -9.63 -0.62 26.17
CA GLU A 304 -9.28 0.37 25.16
C GLU A 304 -10.06 1.65 25.39
N GLN A 305 -11.33 1.53 25.79
CA GLN A 305 -12.15 2.70 26.05
C GLN A 305 -11.55 3.55 27.18
N GLU A 306 -11.06 2.88 28.22
CA GLU A 306 -10.43 3.56 29.34
C GLU A 306 -9.30 4.41 28.80
N CYS A 307 -8.39 3.77 28.07
CA CYS A 307 -7.26 4.47 27.48
C CYS A 307 -7.73 5.61 26.58
N PHE A 308 -8.75 5.36 25.77
CA PHE A 308 -9.25 6.39 24.87
C PHE A 308 -9.88 7.59 25.62
N ARG A 309 -10.57 7.32 26.72
CA ARG A 309 -11.19 8.40 27.49
C ARG A 309 -10.08 9.31 28.05
N LYS A 310 -8.93 8.73 28.39
CA LYS A 310 -7.82 9.54 28.90
C LYS A 310 -7.33 10.47 27.79
N SER A 311 -7.30 9.97 26.56
CA SER A 311 -6.87 10.75 25.41
C SER A 311 -7.88 11.88 25.18
N VAL A 312 -9.16 11.54 25.30
CA VAL A 312 -10.25 12.51 25.11
C VAL A 312 -10.19 13.62 26.18
N ASP A 313 -9.87 13.26 27.41
CA ASP A 313 -9.79 14.23 28.48
C ASP A 313 -8.71 15.27 28.25
N ASP A 314 -7.57 14.83 27.70
CA ASP A 314 -6.49 15.76 27.42
C ASP A 314 -6.94 16.80 26.41
N VAL A 315 -7.70 16.34 25.41
CA VAL A 315 -8.20 17.25 24.39
C VAL A 315 -9.23 18.20 25.02
N VAL A 316 -10.13 17.64 25.82
CA VAL A 316 -11.16 18.46 26.45
C VAL A 316 -10.55 19.56 27.32
N GLU A 317 -9.58 19.22 28.16
CA GLU A 317 -8.99 20.23 29.01
C GLU A 317 -8.18 21.24 28.22
N LEU A 318 -7.54 20.80 27.14
CA LEU A 318 -6.78 21.72 26.32
C LEU A 318 -7.77 22.68 25.67
N ASN A 319 -8.90 22.15 25.21
CA ASN A 319 -9.90 22.98 24.59
C ASN A 319 -10.49 23.97 25.61
N LYS A 320 -10.43 23.62 26.90
CA LYS A 320 -10.90 24.52 27.96
C LYS A 320 -9.96 25.73 28.00
N SER A 321 -8.67 25.43 28.19
CA SER A 321 -7.64 26.45 28.24
C SER A 321 -7.70 27.36 27.01
N LEU A 322 -8.01 26.77 25.86
CA LEU A 322 -8.10 27.55 24.62
C LEU A 322 -9.20 28.60 24.81
N ALA A 323 -10.37 28.14 25.25
CA ALA A 323 -11.51 29.02 25.47
C ALA A 323 -11.19 30.09 26.51
N ALA A 324 -10.50 29.69 27.57
CA ALA A 324 -10.11 30.59 28.65
C ALA A 324 -9.06 31.59 28.16
N LEU A 325 -9.33 32.21 27.02
CA LEU A 325 -8.42 33.20 26.44
C LEU A 325 -9.21 34.24 25.64
N GLY B 3 33.39 -1.52 -19.17
CA GLY B 3 33.61 -1.82 -17.71
C GLY B 3 32.46 -1.40 -16.81
N THR B 4 31.32 -2.06 -16.95
CA THR B 4 30.13 -1.74 -16.16
C THR B 4 30.15 -2.35 -14.77
N VAL B 5 30.35 -1.52 -13.76
CA VAL B 5 30.38 -1.97 -12.37
C VAL B 5 28.95 -2.20 -11.85
N SER B 6 28.05 -1.26 -12.18
CA SER B 6 26.65 -1.36 -11.75
C SER B 6 25.79 -1.79 -12.95
N ARG B 7 25.40 -3.07 -13.01
CA ARG B 7 24.59 -3.54 -14.16
C ARG B 7 23.10 -3.51 -13.81
N ARG B 8 22.25 -3.43 -14.84
CA ARG B 8 20.82 -3.43 -14.57
C ARG B 8 20.38 -4.85 -14.26
N LYS B 9 19.27 -4.97 -13.56
CA LYS B 9 18.73 -6.26 -13.26
C LYS B 9 18.25 -6.79 -14.60
N LYS B 10 18.06 -8.09 -14.70
CA LYS B 10 17.61 -8.70 -15.95
C LYS B 10 16.49 -9.68 -15.67
N ILE B 11 15.39 -9.54 -16.41
CA ILE B 11 14.26 -10.45 -16.27
C ILE B 11 13.97 -11.10 -17.62
N ALA B 12 13.90 -12.43 -17.63
CA ALA B 12 13.56 -13.17 -18.85
C ALA B 12 12.10 -13.57 -18.78
N MET B 13 11.35 -13.18 -19.80
CA MET B 13 9.95 -13.53 -19.89
C MET B 13 9.93 -14.77 -20.77
N ILE B 14 9.71 -15.95 -20.17
CA ILE B 14 9.64 -17.18 -20.98
C ILE B 14 8.19 -17.31 -21.38
N GLY B 15 7.92 -16.93 -22.63
CA GLY B 15 6.56 -16.90 -23.15
C GLY B 15 6.39 -15.41 -23.37
N SER B 16 6.14 -15.01 -24.63
CA SER B 16 6.00 -13.59 -24.98
C SER B 16 4.62 -13.25 -25.52
N GLY B 17 3.62 -13.93 -24.97
CA GLY B 17 2.25 -13.70 -25.37
C GLY B 17 1.66 -12.50 -24.64
N MET B 18 0.36 -12.55 -24.35
CA MET B 18 -0.29 -11.40 -23.72
C MET B 18 0.35 -11.02 -22.39
N ILE B 19 0.51 -11.99 -21.49
CA ILE B 19 1.10 -11.66 -20.20
C ILE B 19 2.58 -11.31 -20.32
N GLY B 20 3.33 -12.08 -21.10
CA GLY B 20 4.75 -11.77 -21.23
C GLY B 20 5.04 -10.39 -21.80
N GLY B 21 4.31 -10.01 -22.85
CA GLY B 21 4.53 -8.71 -23.45
C GLY B 21 4.16 -7.57 -22.51
N THR B 22 3.12 -7.80 -21.71
CA THR B 22 2.64 -6.80 -20.77
C THR B 22 3.63 -6.63 -19.62
N MET B 23 4.23 -7.73 -19.16
CA MET B 23 5.24 -7.63 -18.10
C MET B 23 6.46 -6.89 -18.65
N GLY B 24 6.78 -7.09 -19.93
CA GLY B 24 7.93 -6.37 -20.50
C GLY B 24 7.60 -4.88 -20.46
N TYR B 25 6.35 -4.54 -20.79
CA TYR B 25 5.90 -3.14 -20.79
C TYR B 25 6.05 -2.56 -19.40
N LEU B 26 5.64 -3.30 -18.37
CA LEU B 26 5.77 -2.83 -17.00
C LEU B 26 7.23 -2.53 -16.67
N CYS B 27 8.16 -3.39 -17.11
CA CYS B 27 9.59 -3.16 -16.85
C CYS B 27 10.05 -1.86 -17.49
N VAL B 28 9.54 -1.57 -18.68
CA VAL B 28 9.89 -0.34 -19.36
C VAL B 28 9.35 0.87 -18.59
N LEU B 29 8.09 0.83 -18.22
CA LEU B 29 7.48 1.95 -17.49
C LEU B 29 8.16 2.27 -16.15
N ARG B 30 8.50 1.22 -15.39
CA ARG B 30 9.15 1.38 -14.07
C ARG B 30 10.70 1.36 -14.16
N GLU B 31 11.25 1.15 -15.35
CA GLU B 31 12.69 1.02 -15.55
C GLU B 31 13.20 -0.03 -14.55
N LEU B 32 12.44 -1.11 -14.42
CA LEU B 32 12.76 -2.17 -13.46
C LEU B 32 13.95 -3.05 -13.83
N ALA B 33 14.11 -3.34 -15.11
CA ALA B 33 15.19 -4.23 -15.53
C ALA B 33 15.20 -4.37 -17.04
N ASP B 34 16.30 -4.92 -17.54
CA ASP B 34 16.43 -5.24 -18.95
C ASP B 34 15.50 -6.44 -19.12
N VAL B 35 14.95 -6.57 -20.32
CA VAL B 35 13.98 -7.60 -20.66
C VAL B 35 14.33 -8.44 -21.88
N VAL B 36 14.11 -9.75 -21.74
CA VAL B 36 14.29 -10.67 -22.86
C VAL B 36 12.94 -11.31 -23.05
N LEU B 37 12.34 -11.09 -24.22
CA LEU B 37 11.05 -11.67 -24.53
C LEU B 37 11.36 -12.97 -25.27
N PHE B 38 11.28 -14.07 -24.53
CA PHE B 38 11.56 -15.38 -25.10
C PHE B 38 10.28 -16.09 -25.56
N ASP B 39 10.38 -16.81 -26.67
CA ASP B 39 9.21 -17.56 -27.13
C ASP B 39 9.62 -18.59 -28.17
N VAL B 40 8.80 -19.62 -28.40
CA VAL B 40 9.17 -20.59 -29.42
C VAL B 40 8.81 -19.98 -30.75
N VAL B 41 7.85 -19.05 -30.71
CA VAL B 41 7.39 -18.36 -31.91
C VAL B 41 8.41 -17.30 -32.29
N THR B 42 8.70 -17.21 -33.58
CA THR B 42 9.65 -16.19 -34.04
C THR B 42 8.83 -15.17 -34.79
N GLY B 43 9.30 -13.93 -34.78
CA GLY B 43 8.55 -12.88 -35.44
C GLY B 43 7.83 -12.06 -34.38
N MET B 44 6.72 -12.61 -33.86
CA MET B 44 5.91 -11.92 -32.86
C MET B 44 6.68 -11.30 -31.69
N PRO B 45 7.56 -12.06 -31.03
CA PRO B 45 8.32 -11.51 -29.90
C PRO B 45 9.21 -10.35 -30.29
N GLU B 46 9.75 -10.36 -31.51
CA GLU B 46 10.60 -9.25 -31.94
C GLU B 46 9.70 -8.04 -32.17
N GLY B 47 8.47 -8.29 -32.58
CA GLY B 47 7.54 -7.19 -32.78
C GLY B 47 7.27 -6.50 -31.46
N LYS B 48 7.06 -7.31 -30.43
CA LYS B 48 6.80 -6.76 -29.11
C LYS B 48 8.02 -6.08 -28.52
N ALA B 49 9.20 -6.67 -28.72
CA ALA B 49 10.43 -6.05 -28.21
C ALA B 49 10.61 -4.68 -28.87
N LEU B 50 10.29 -4.58 -30.16
CA LEU B 50 10.39 -3.29 -30.85
C LEU B 50 9.42 -2.29 -30.24
N ASP B 51 8.17 -2.70 -30.10
CA ASP B 51 7.12 -1.87 -29.52
C ASP B 51 7.49 -1.46 -28.07
N ASP B 52 7.91 -2.43 -27.27
CA ASP B 52 8.26 -2.14 -25.87
C ASP B 52 9.52 -1.27 -25.75
N SER B 53 10.54 -1.52 -26.57
CA SER B 53 11.75 -0.71 -26.50
C SER B 53 11.46 0.73 -26.95
N GLN B 54 10.57 0.89 -27.92
CA GLN B 54 10.22 2.23 -28.40
C GLN B 54 9.48 3.01 -27.31
N ALA B 55 8.76 2.28 -26.45
CA ALA B 55 8.06 2.92 -25.35
C ALA B 55 9.01 3.56 -24.32
N THR B 56 10.26 3.08 -24.24
CA THR B 56 11.21 3.67 -23.29
C THR B 56 11.43 5.16 -23.60
N SER B 57 11.42 5.52 -24.88
CA SER B 57 11.60 6.93 -25.25
C SER B 57 10.52 7.81 -24.65
N ILE B 58 9.26 7.36 -24.74
CA ILE B 58 8.14 8.13 -24.19
C ILE B 58 8.13 8.11 -22.66
N ALA B 59 8.56 6.99 -22.07
CA ALA B 59 8.60 6.87 -20.61
C ALA B 59 9.83 7.59 -20.06
N ASP B 60 10.74 7.95 -20.97
CA ASP B 60 12.01 8.59 -20.64
C ASP B 60 12.84 7.66 -19.74
N THR B 61 12.69 6.36 -19.98
CA THR B 61 13.48 5.39 -19.21
C THR B 61 14.48 4.72 -20.14
N ASN B 62 15.42 3.97 -19.57
CA ASN B 62 16.38 3.28 -20.41
C ASN B 62 16.64 1.83 -19.94
N VAL B 63 15.95 0.89 -20.57
CA VAL B 63 16.17 -0.53 -20.33
C VAL B 63 16.22 -1.13 -21.71
N SER B 64 16.87 -2.27 -21.82
CA SER B 64 16.99 -2.97 -23.09
C SER B 64 15.89 -4.02 -23.19
N VAL B 65 15.14 -4.00 -24.29
CA VAL B 65 14.12 -5.02 -24.50
C VAL B 65 14.47 -5.73 -25.80
N THR B 66 14.76 -7.02 -25.71
CA THR B 66 15.11 -7.81 -26.89
C THR B 66 14.24 -9.06 -26.92
N SER B 67 14.23 -9.76 -28.06
CA SER B 67 13.46 -11.01 -28.18
C SER B 67 14.45 -12.16 -28.34
N ALA B 68 14.00 -13.39 -28.11
CA ALA B 68 14.88 -14.54 -28.26
C ALA B 68 14.08 -15.82 -28.42
N ASN B 69 14.69 -16.83 -29.04
CA ASN B 69 14.04 -18.12 -29.19
C ASN B 69 15.10 -19.17 -28.88
N GLN B 70 16.21 -18.72 -28.31
CA GLN B 70 17.31 -19.61 -27.91
C GLN B 70 17.54 -19.39 -26.43
N TYR B 71 17.58 -20.48 -25.65
CA TYR B 71 17.78 -20.36 -24.20
C TYR B 71 19.08 -19.73 -23.75
N GLU B 72 20.12 -19.80 -24.58
CA GLU B 72 21.38 -19.19 -24.22
C GLU B 72 21.15 -17.70 -23.93
N LYS B 73 20.14 -17.11 -24.57
CA LYS B 73 19.83 -15.69 -24.38
C LYS B 73 19.31 -15.29 -22.98
N ILE B 74 18.83 -16.26 -22.18
CA ILE B 74 18.36 -15.90 -20.86
C ILE B 74 19.45 -16.02 -19.81
N ALA B 75 20.68 -16.30 -20.24
CA ALA B 75 21.79 -16.41 -19.29
C ALA B 75 21.92 -15.10 -18.49
N GLY B 76 22.24 -15.22 -17.21
CA GLY B 76 22.41 -14.05 -16.36
C GLY B 76 21.12 -13.41 -15.85
N SER B 77 19.98 -14.05 -16.11
CA SER B 77 18.69 -13.49 -15.66
C SER B 77 18.59 -13.55 -14.15
N ASP B 78 18.17 -12.44 -13.54
CA ASP B 78 18.01 -12.37 -12.10
C ASP B 78 16.67 -12.99 -11.75
N VAL B 79 15.69 -12.79 -12.62
CA VAL B 79 14.35 -13.34 -12.45
C VAL B 79 13.86 -13.89 -13.79
N VAL B 80 13.15 -15.01 -13.72
CA VAL B 80 12.57 -15.62 -14.90
C VAL B 80 11.07 -15.73 -14.61
N ILE B 81 10.22 -15.22 -15.51
CA ILE B 81 8.79 -15.32 -15.29
C ILE B 81 8.25 -16.16 -16.45
N ILE B 82 7.65 -17.29 -16.11
CA ILE B 82 7.16 -18.23 -17.10
C ILE B 82 5.67 -18.21 -17.36
N THR B 83 5.30 -17.86 -18.59
CA THR B 83 3.90 -17.80 -19.02
C THR B 83 3.70 -18.74 -20.22
N ALA B 84 4.78 -19.39 -20.64
CA ALA B 84 4.74 -20.31 -21.78
C ALA B 84 3.65 -21.35 -21.56
N GLY B 85 2.74 -21.49 -22.52
CA GLY B 85 1.68 -22.47 -22.37
C GLY B 85 0.41 -22.06 -23.06
N LEU B 86 -0.57 -22.97 -23.07
CA LEU B 86 -1.88 -22.71 -23.67
C LEU B 86 -2.78 -22.06 -22.61
N THR B 87 -3.77 -21.28 -23.05
CA THR B 87 -4.72 -20.63 -22.14
C THR B 87 -6.07 -21.38 -22.17
N LYS B 88 -6.40 -21.96 -23.33
CA LYS B 88 -7.66 -22.67 -23.50
C LYS B 88 -7.40 -23.94 -24.29
N VAL B 89 -8.25 -24.94 -24.10
CA VAL B 89 -8.09 -26.20 -24.83
C VAL B 89 -8.91 -26.13 -26.11
N PRO B 90 -8.27 -26.41 -27.25
CA PRO B 90 -9.00 -26.37 -28.52
C PRO B 90 -10.20 -27.31 -28.42
N GLY B 91 -11.38 -26.85 -28.87
CA GLY B 91 -12.55 -27.70 -28.79
C GLY B 91 -13.49 -27.48 -27.63
N LYS B 92 -12.98 -26.97 -26.50
CA LYS B 92 -13.82 -26.70 -25.33
C LYS B 92 -14.56 -25.38 -25.49
N SER B 93 -15.81 -25.32 -25.05
CA SER B 93 -16.57 -24.06 -25.14
C SER B 93 -16.00 -23.17 -24.02
N ASP B 94 -16.31 -21.88 -24.05
CA ASP B 94 -15.79 -21.00 -23.00
C ASP B 94 -16.41 -21.35 -21.65
N LYS B 95 -17.67 -21.78 -21.68
CA LYS B 95 -18.36 -22.18 -20.45
C LYS B 95 -17.67 -23.42 -19.85
N GLU B 96 -17.07 -24.26 -20.70
CA GLU B 96 -16.38 -25.48 -20.25
C GLU B 96 -14.94 -25.22 -19.83
N TRP B 97 -14.50 -23.97 -19.95
CA TRP B 97 -13.13 -23.62 -19.58
C TRP B 97 -12.76 -24.05 -18.17
N SER B 98 -11.72 -24.84 -18.04
CA SER B 98 -11.25 -25.31 -16.74
C SER B 98 -9.73 -25.42 -16.80
N ARG B 99 -9.05 -24.75 -15.87
CA ARG B 99 -7.59 -24.76 -15.86
C ARG B 99 -6.96 -26.16 -15.80
N ASN B 100 -7.62 -27.09 -15.12
CA ASN B 100 -7.08 -28.46 -15.02
C ASN B 100 -6.87 -29.13 -16.36
N ASP B 101 -7.73 -28.83 -17.35
CA ASP B 101 -7.63 -29.43 -18.68
C ASP B 101 -6.37 -29.01 -19.44
N LEU B 102 -5.69 -27.99 -18.96
CA LEU B 102 -4.49 -27.52 -19.65
C LEU B 102 -3.29 -28.37 -19.29
N LEU B 103 -3.44 -29.19 -18.25
CA LEU B 103 -2.36 -30.01 -17.77
C LEU B 103 -1.51 -30.75 -18.82
N PRO B 104 -2.16 -31.57 -19.67
CA PRO B 104 -1.40 -32.30 -20.68
C PRO B 104 -0.65 -31.45 -21.69
N PHE B 105 -1.18 -30.28 -21.99
CA PHE B 105 -0.53 -29.39 -22.94
C PHE B 105 0.63 -28.64 -22.33
N ASN B 106 0.43 -28.13 -21.13
CA ASN B 106 1.46 -27.34 -20.50
C ASN B 106 2.60 -28.00 -19.75
N ALA B 107 2.38 -29.19 -19.21
CA ALA B 107 3.44 -29.88 -18.49
C ALA B 107 4.66 -30.05 -19.40
N LYS B 108 4.40 -30.41 -20.64
CA LYS B 108 5.44 -30.62 -21.64
C LYS B 108 6.24 -29.33 -21.81
N ILE B 109 5.49 -28.24 -21.94
CA ILE B 109 6.12 -26.94 -22.11
C ILE B 109 6.95 -26.56 -20.89
N ILE B 110 6.39 -26.69 -19.70
CA ILE B 110 7.12 -26.33 -18.49
C ILE B 110 8.39 -27.18 -18.27
N ARG B 111 8.34 -28.46 -18.64
CA ARG B 111 9.54 -29.26 -18.48
C ARG B 111 10.64 -28.78 -19.43
N GLU B 112 10.25 -28.32 -20.60
CA GLU B 112 11.23 -27.82 -21.56
C GLU B 112 11.86 -26.54 -20.98
N VAL B 113 11.03 -25.67 -20.39
CA VAL B 113 11.54 -24.43 -19.82
C VAL B 113 12.48 -24.72 -18.65
N ALA B 114 12.11 -25.70 -17.82
CA ALA B 114 12.94 -26.05 -16.68
C ALA B 114 14.35 -26.44 -17.14
N GLN B 115 14.42 -27.19 -18.24
CA GLN B 115 15.73 -27.62 -18.76
C GLN B 115 16.54 -26.40 -19.17
N GLY B 116 15.88 -25.43 -19.81
CA GLY B 116 16.58 -24.24 -20.22
C GLY B 116 17.08 -23.40 -19.05
N VAL B 117 16.25 -23.22 -18.02
CA VAL B 117 16.67 -22.44 -16.86
C VAL B 117 17.77 -23.16 -16.10
N LYS B 118 17.61 -24.47 -15.94
CA LYS B 118 18.62 -25.23 -15.22
C LYS B 118 20.00 -25.04 -15.89
N LYS B 119 20.02 -25.10 -17.21
CA LYS B 119 21.28 -24.95 -17.91
C LYS B 119 21.84 -23.52 -17.95
N TYR B 120 21.00 -22.54 -18.29
CA TYR B 120 21.45 -21.15 -18.44
C TYR B 120 21.33 -20.10 -17.32
N CYS B 121 20.38 -20.25 -16.42
CA CYS B 121 20.31 -19.27 -15.34
C CYS B 121 19.74 -19.90 -14.07
N PRO B 122 20.41 -20.95 -13.55
CA PRO B 122 19.97 -21.65 -12.35
C PRO B 122 19.98 -20.84 -11.06
N LEU B 123 20.55 -19.63 -11.10
CA LEU B 123 20.60 -18.78 -9.92
C LEU B 123 19.44 -17.78 -9.89
N ALA B 124 18.56 -17.89 -10.86
CA ALA B 124 17.41 -16.98 -10.96
C ALA B 124 16.29 -17.27 -9.97
N PHE B 125 15.48 -16.25 -9.69
CA PHE B 125 14.30 -16.42 -8.85
C PHE B 125 13.28 -16.69 -9.94
N VAL B 126 12.49 -17.74 -9.77
CA VAL B 126 11.53 -18.14 -10.79
C VAL B 126 10.08 -18.02 -10.37
N ILE B 127 9.33 -17.29 -11.18
CA ILE B 127 7.90 -17.11 -10.93
C ILE B 127 7.14 -17.77 -12.09
N VAL B 128 6.41 -18.83 -11.76
CA VAL B 128 5.64 -19.53 -12.76
C VAL B 128 4.25 -18.92 -12.81
N VAL B 129 3.70 -18.77 -14.01
CA VAL B 129 2.36 -18.22 -14.17
C VAL B 129 1.46 -19.20 -14.92
N THR B 130 2.06 -19.98 -15.80
CA THR B 130 1.36 -20.98 -16.61
C THR B 130 0.41 -21.86 -15.81
N ASN B 131 -0.81 -22.06 -16.30
CA ASN B 131 -1.82 -22.93 -15.63
C ASN B 131 -1.67 -24.39 -16.09
N PRO B 132 -2.13 -25.37 -15.26
CA PRO B 132 -2.76 -25.20 -13.94
C PRO B 132 -1.62 -24.86 -13.01
N LEU B 133 -1.69 -23.66 -12.44
CA LEU B 133 -0.59 -23.10 -11.64
C LEU B 133 0.14 -23.93 -10.61
N ASP B 134 -0.56 -24.44 -9.60
CA ASP B 134 0.12 -25.18 -8.55
C ASP B 134 0.82 -26.43 -9.05
N CYS B 135 0.19 -27.07 -10.02
CA CYS B 135 0.76 -28.28 -10.62
C CYS B 135 1.99 -27.88 -11.47
N MET B 136 1.88 -26.82 -12.26
CA MET B 136 3.02 -26.39 -13.09
C MET B 136 4.21 -25.93 -12.24
N VAL B 137 3.97 -25.27 -11.11
CA VAL B 137 5.09 -24.81 -10.30
C VAL B 137 5.88 -26.01 -9.77
N LYS B 138 5.16 -27.04 -9.34
CA LYS B 138 5.81 -28.24 -8.81
C LYS B 138 6.61 -28.89 -9.93
N CYS B 139 5.98 -29.01 -11.10
CA CYS B 139 6.61 -29.59 -12.28
C CYS B 139 7.92 -28.86 -12.58
N PHE B 140 7.86 -27.52 -12.62
CA PHE B 140 9.07 -26.75 -12.90
C PHE B 140 10.14 -26.99 -11.85
N HIS B 141 9.74 -27.00 -10.59
CA HIS B 141 10.68 -27.18 -9.52
C HIS B 141 11.47 -28.48 -9.56
N GLU B 142 10.78 -29.60 -9.76
CA GLU B 142 11.49 -30.86 -9.79
C GLU B 142 12.27 -31.06 -11.07
N ALA B 143 11.74 -30.60 -12.20
CA ALA B 143 12.46 -30.75 -13.44
C ALA B 143 13.70 -29.85 -13.50
N SER B 144 13.64 -28.68 -12.86
CA SER B 144 14.78 -27.75 -12.89
C SER B 144 15.81 -27.96 -11.81
N GLY B 145 15.37 -28.46 -10.66
CA GLY B 145 16.28 -28.68 -9.56
C GLY B 145 16.65 -27.42 -8.79
N LEU B 146 16.01 -26.29 -9.06
CA LEU B 146 16.32 -25.06 -8.32
C LEU B 146 15.92 -25.18 -6.86
N PRO B 147 16.50 -24.34 -5.98
CA PRO B 147 16.22 -24.35 -4.54
C PRO B 147 14.74 -24.05 -4.30
N LYS B 148 14.20 -24.65 -3.25
CA LYS B 148 12.79 -24.49 -2.90
C LYS B 148 12.38 -23.04 -2.61
N ASN B 149 13.30 -22.24 -2.09
CA ASN B 149 12.98 -20.84 -1.77
C ASN B 149 13.12 -19.92 -2.99
N MET B 150 13.55 -20.47 -4.13
CA MET B 150 13.74 -19.66 -5.33
C MET B 150 12.76 -19.93 -6.45
N VAL B 151 11.72 -20.70 -6.16
CA VAL B 151 10.69 -21.04 -7.15
C VAL B 151 9.31 -20.86 -6.53
N CYS B 152 8.43 -20.13 -7.22
CA CYS B 152 7.06 -19.94 -6.72
C CYS B 152 6.13 -19.74 -7.87
N GLY B 153 4.83 -19.73 -7.56
CA GLY B 153 3.84 -19.53 -8.58
C GLY B 153 2.96 -18.32 -8.30
N MET B 154 2.76 -17.48 -9.32
CA MET B 154 1.89 -16.32 -9.14
C MET B 154 0.47 -16.80 -9.34
N ALA B 155 -0.40 -16.47 -8.40
CA ALA B 155 -1.82 -16.78 -8.52
C ALA B 155 -2.63 -16.08 -7.45
N ASN B 156 -2.35 -16.39 -6.18
CA ASN B 156 -3.12 -15.79 -5.10
C ASN B 156 -3.02 -14.25 -5.02
N VAL B 157 -1.97 -13.64 -5.55
CA VAL B 157 -1.92 -12.17 -5.52
C VAL B 157 -3.02 -11.65 -6.47
N LEU B 158 -3.24 -12.37 -7.57
CA LEU B 158 -4.27 -11.99 -8.53
C LEU B 158 -5.67 -12.27 -7.94
N ASP B 159 -5.85 -13.45 -7.37
CA ASP B 159 -7.14 -13.81 -6.78
C ASP B 159 -7.47 -12.80 -5.67
N SER B 160 -6.45 -12.46 -4.88
CA SER B 160 -6.62 -11.51 -3.78
C SER B 160 -6.94 -10.10 -4.34
N ALA B 161 -6.36 -9.77 -5.48
CA ALA B 161 -6.60 -8.45 -6.09
C ALA B 161 -8.06 -8.33 -6.45
N ARG B 162 -8.63 -9.42 -6.92
CA ARG B 162 -10.04 -9.45 -7.29
C ARG B 162 -10.89 -9.28 -6.05
N PHE B 163 -10.62 -10.11 -5.04
CA PHE B 163 -11.33 -10.08 -3.74
C PHE B 163 -11.28 -8.62 -3.19
N ARG B 164 -10.08 -8.05 -3.18
CA ARG B 164 -9.90 -6.68 -2.69
C ARG B 164 -10.66 -5.63 -3.50
N ARG B 165 -10.66 -5.74 -4.82
CA ARG B 165 -11.33 -4.74 -5.64
C ARG B 165 -12.84 -4.76 -5.43
N PHE B 166 -13.40 -5.96 -5.30
CA PHE B 166 -14.85 -6.10 -5.12
C PHE B 166 -15.27 -5.50 -3.79
N ILE B 167 -14.49 -5.78 -2.75
CA ILE B 167 -14.77 -5.26 -1.41
C ILE B 167 -14.59 -3.73 -1.40
N ALA B 168 -13.50 -3.26 -2.00
CA ALA B 168 -13.20 -1.82 -2.08
C ALA B 168 -14.37 -1.07 -2.70
N ASP B 169 -14.92 -1.62 -3.79
CA ASP B 169 -16.05 -0.99 -4.45
C ASP B 169 -17.25 -0.82 -3.55
N GLN B 170 -17.50 -1.82 -2.71
CA GLN B 170 -18.66 -1.81 -1.81
C GLN B 170 -18.49 -0.87 -0.61
N LEU B 171 -17.27 -0.76 -0.12
CA LEU B 171 -17.04 0.09 1.04
C LEU B 171 -16.67 1.53 0.68
N GLU B 172 -16.45 1.76 -0.60
CA GLU B 172 -16.03 3.08 -1.12
C GLU B 172 -14.71 3.49 -0.44
N ILE B 173 -13.77 2.55 -0.49
CA ILE B 173 -12.43 2.74 0.09
C ILE B 173 -11.43 2.20 -0.94
N SER B 174 -10.27 2.85 -1.04
CA SER B 174 -9.24 2.41 -1.98
C SER B 174 -8.82 0.98 -1.67
N PRO B 175 -8.56 0.18 -2.71
CA PRO B 175 -8.14 -1.22 -2.46
C PRO B 175 -6.77 -1.27 -1.74
N ARG B 176 -6.06 -0.15 -1.73
CA ARG B 176 -4.79 -0.08 -1.00
C ARG B 176 -5.11 -0.39 0.47
N ASP B 177 -6.28 0.03 0.93
CA ASP B 177 -6.63 -0.17 2.32
C ASP B 177 -7.51 -1.36 2.65
N ILE B 178 -7.69 -2.23 1.65
CA ILE B 178 -8.44 -3.45 1.86
C ILE B 178 -7.44 -4.60 1.88
N GLN B 179 -7.38 -5.34 2.98
CA GLN B 179 -6.51 -6.51 3.00
C GLN B 179 -7.48 -7.71 2.90
N ALA B 180 -7.53 -8.35 1.74
CA ALA B 180 -8.38 -9.53 1.54
C ALA B 180 -7.43 -10.52 0.90
N THR B 181 -7.45 -11.77 1.37
CA THR B 181 -6.53 -12.78 0.89
C THR B 181 -7.20 -14.08 0.46
N VAL B 182 -6.71 -14.63 -0.65
CA VAL B 182 -7.19 -15.91 -1.14
C VAL B 182 -5.99 -16.85 -0.99
N ILE B 183 -6.23 -18.08 -0.52
CA ILE B 183 -5.14 -19.03 -0.44
C ILE B 183 -5.63 -20.33 -1.08
N GLY B 184 -4.74 -21.32 -1.16
CA GLY B 184 -5.14 -22.57 -1.75
C GLY B 184 -4.82 -22.63 -3.22
N THR B 185 -5.39 -23.60 -3.90
CA THR B 185 -5.13 -23.76 -5.31
C THR B 185 -5.81 -22.69 -6.20
N HIS B 186 -5.16 -22.33 -7.30
CA HIS B 186 -5.71 -21.33 -8.21
C HIS B 186 -6.75 -22.01 -9.10
N GLY B 187 -7.95 -22.19 -8.57
CA GLY B 187 -9.02 -22.87 -9.28
C GLY B 187 -10.31 -22.74 -8.49
N ASP B 188 -11.36 -23.46 -8.88
CA ASP B 188 -12.66 -23.35 -8.22
C ASP B 188 -12.66 -23.56 -6.71
N HIS B 189 -11.66 -24.27 -6.20
CA HIS B 189 -11.61 -24.49 -4.76
C HIS B 189 -10.65 -23.57 -4.04
N MET B 190 -10.32 -22.45 -4.69
CA MET B 190 -9.47 -21.46 -4.04
C MET B 190 -10.27 -21.03 -2.80
N LEU B 191 -9.57 -20.51 -1.79
CA LEU B 191 -10.21 -20.11 -0.55
C LEU B 191 -10.09 -18.63 -0.18
N PRO B 192 -11.08 -17.82 -0.56
CA PRO B 192 -11.04 -16.39 -0.22
C PRO B 192 -11.32 -16.43 1.30
N LEU B 193 -10.39 -15.94 2.12
CA LEU B 193 -10.52 -15.94 3.57
C LEU B 193 -11.37 -14.80 4.09
N ALA B 194 -12.68 -15.00 4.09
CA ALA B 194 -13.61 -13.97 4.53
C ALA B 194 -13.31 -13.45 5.95
N ARG B 195 -12.88 -14.35 6.84
CA ARG B 195 -12.63 -13.97 8.23
C ARG B 195 -11.43 -13.05 8.39
N TYR B 196 -10.50 -13.11 7.43
CA TYR B 196 -9.31 -12.28 7.52
C TYR B 196 -9.37 -10.99 6.69
N VAL B 197 -10.54 -10.62 6.18
CA VAL B 197 -10.64 -9.39 5.40
C VAL B 197 -10.63 -8.20 6.37
N THR B 198 -9.75 -7.22 6.12
CA THR B 198 -9.72 -6.04 6.99
C THR B 198 -9.65 -4.76 6.18
N VAL B 199 -10.02 -3.68 6.84
CA VAL B 199 -9.99 -2.35 6.27
C VAL B 199 -8.90 -1.73 7.14
N ASN B 200 -7.69 -1.62 6.60
CA ASN B 200 -6.55 -1.11 7.36
C ASN B 200 -6.44 -1.84 8.71
N GLY B 201 -6.55 -3.17 8.67
CA GLY B 201 -6.45 -3.97 9.89
C GLY B 201 -7.71 -4.09 10.73
N PHE B 202 -8.75 -3.31 10.40
CA PHE B 202 -10.03 -3.37 11.14
C PHE B 202 -10.89 -4.46 10.47
N PRO B 203 -11.28 -5.50 11.24
CA PRO B 203 -12.08 -6.60 10.71
C PRO B 203 -13.31 -6.15 9.93
N LEU B 204 -13.50 -6.74 8.76
CA LEU B 204 -14.64 -6.39 7.92
C LEU B 204 -15.95 -6.61 8.70
N ARG B 205 -15.96 -7.58 9.61
CA ARG B 205 -17.18 -7.85 10.36
C ARG B 205 -17.70 -6.61 11.10
N GLU B 206 -16.82 -5.72 11.52
CA GLU B 206 -17.31 -4.52 12.22
C GLU B 206 -18.06 -3.60 11.26
N PHE B 207 -17.64 -3.58 9.99
CA PHE B 207 -18.28 -2.76 8.98
C PHE B 207 -19.63 -3.34 8.63
N ILE B 208 -19.69 -4.66 8.56
CA ILE B 208 -20.95 -5.35 8.26
C ILE B 208 -21.94 -5.04 9.39
N LYS B 209 -21.50 -5.20 10.64
CA LYS B 209 -22.39 -4.91 11.77
C LYS B 209 -22.89 -3.45 11.75
N LYS B 210 -22.06 -2.54 11.26
CA LYS B 210 -22.44 -1.12 11.17
C LYS B 210 -23.29 -0.85 9.93
N GLY B 211 -23.57 -1.89 9.15
CA GLY B 211 -24.38 -1.74 7.95
C GLY B 211 -23.70 -1.23 6.68
N LYS B 212 -22.37 -1.10 6.71
CA LYS B 212 -21.62 -0.60 5.54
C LYS B 212 -21.81 -1.48 4.33
N MET B 213 -21.99 -2.78 4.58
CA MET B 213 -22.26 -3.76 3.53
C MET B 213 -22.82 -4.99 4.24
N THR B 214 -23.43 -5.90 3.48
CA THR B 214 -24.04 -7.07 4.12
C THR B 214 -23.26 -8.36 4.03
N GLU B 215 -23.63 -9.32 4.89
CA GLU B 215 -23.03 -10.65 4.90
C GLU B 215 -23.33 -11.27 3.53
N ALA B 216 -24.53 -11.05 3.03
CA ALA B 216 -24.92 -11.61 1.73
C ALA B 216 -24.03 -11.10 0.60
N LYS B 217 -23.68 -9.81 0.65
CA LYS B 217 -22.82 -9.24 -0.38
C LYS B 217 -21.41 -9.84 -0.25
N LEU B 218 -20.97 -10.09 0.98
CA LEU B 218 -19.65 -10.71 1.19
C LEU B 218 -19.63 -12.09 0.54
N ALA B 219 -20.69 -12.87 0.75
CA ALA B 219 -20.76 -14.20 0.15
C ALA B 219 -20.77 -14.10 -1.37
N GLU B 220 -21.46 -13.10 -1.90
CA GLU B 220 -21.54 -12.92 -3.34
C GLU B 220 -20.14 -12.62 -3.90
N ILE B 221 -19.39 -11.82 -3.16
CA ILE B 221 -18.03 -11.43 -3.52
C ILE B 221 -17.10 -12.62 -3.41
N VAL B 222 -17.29 -13.45 -2.39
CA VAL B 222 -16.44 -14.62 -2.24
C VAL B 222 -16.62 -15.50 -3.47
N GLU B 223 -17.86 -15.66 -3.93
CA GLU B 223 -18.12 -16.48 -5.11
C GLU B 223 -17.60 -15.81 -6.37
N ARG B 224 -17.80 -14.51 -6.47
CA ARG B 224 -17.34 -13.77 -7.64
C ARG B 224 -15.81 -13.90 -7.80
N THR B 225 -15.11 -13.90 -6.66
CA THR B 225 -13.66 -14.02 -6.67
C THR B 225 -13.25 -15.38 -7.28
N LYS B 226 -13.95 -16.44 -6.93
CA LYS B 226 -13.60 -17.76 -7.47
C LYS B 226 -13.85 -17.86 -8.98
N LYS B 227 -14.95 -17.27 -9.43
CA LYS B 227 -15.34 -17.30 -10.84
C LYS B 227 -14.74 -16.22 -11.75
N ALA B 228 -13.98 -15.30 -11.15
CA ALA B 228 -13.42 -14.17 -11.90
C ALA B 228 -12.63 -14.49 -13.18
N GLY B 229 -11.73 -15.45 -13.10
CA GLY B 229 -10.93 -15.79 -14.27
C GLY B 229 -11.81 -16.33 -15.40
N GLY B 230 -12.73 -17.22 -15.05
CA GLY B 230 -13.62 -17.78 -16.06
C GLY B 230 -14.52 -16.70 -16.66
N GLU B 231 -14.89 -15.70 -15.86
CA GLU B 231 -15.74 -14.63 -16.38
C GLU B 231 -14.99 -13.80 -17.40
N ILE B 232 -13.72 -13.51 -17.14
CA ILE B 232 -12.95 -12.73 -18.11
C ILE B 232 -12.75 -13.56 -19.38
N VAL B 233 -12.52 -14.86 -19.23
CA VAL B 233 -12.38 -15.73 -20.39
C VAL B 233 -13.67 -15.64 -21.22
N ARG B 234 -14.82 -15.72 -20.54
CA ARG B 234 -16.10 -15.67 -21.23
C ARG B 234 -16.33 -14.33 -21.96
N LEU B 235 -16.04 -13.23 -21.25
CA LEU B 235 -16.25 -11.92 -21.83
C LEU B 235 -15.24 -11.57 -22.92
N LEU B 236 -13.97 -11.91 -22.72
CA LEU B 236 -12.95 -11.59 -23.73
C LEU B 236 -13.18 -12.38 -25.02
N GLY B 237 -13.65 -13.61 -24.89
CA GLY B 237 -13.92 -14.42 -26.07
C GLY B 237 -12.67 -15.04 -26.65
N GLN B 238 -11.52 -14.51 -26.26
CA GLN B 238 -10.23 -14.97 -26.74
C GLN B 238 -9.21 -14.92 -25.61
N GLY B 239 -8.46 -16.01 -25.43
CA GLY B 239 -7.46 -16.05 -24.38
C GLY B 239 -8.06 -15.76 -23.02
N SER B 240 -7.25 -15.21 -22.12
CA SER B 240 -7.71 -14.91 -20.77
C SER B 240 -7.11 -13.62 -20.23
N ALA B 241 -7.31 -13.36 -18.94
CA ALA B 241 -6.81 -12.12 -18.33
C ALA B 241 -5.31 -11.93 -18.46
N TYR B 242 -4.85 -10.68 -18.60
CA TYR B 242 -3.42 -10.44 -18.68
C TYR B 242 -2.95 -9.18 -17.98
N TYR B 243 -3.81 -8.18 -17.86
CA TYR B 243 -3.36 -6.95 -17.21
C TYR B 243 -3.06 -7.12 -15.73
N ALA B 244 -4.02 -7.63 -14.97
CA ALA B 244 -3.79 -7.82 -13.55
C ALA B 244 -2.77 -8.97 -13.35
N PRO B 245 -2.87 -10.05 -14.16
CA PRO B 245 -1.90 -11.13 -13.98
C PRO B 245 -0.46 -10.61 -14.18
N ALA B 246 -0.23 -9.80 -15.22
CA ALA B 246 1.12 -9.28 -15.45
C ALA B 246 1.63 -8.44 -14.28
N LEU B 247 0.78 -7.55 -13.76
CA LEU B 247 1.21 -6.67 -12.66
C LEU B 247 1.43 -7.50 -11.38
N SER B 248 0.64 -8.55 -11.18
CA SER B 248 0.82 -9.38 -10.00
C SER B 248 2.22 -10.02 -10.04
N ALA B 249 2.58 -10.61 -11.17
CA ALA B 249 3.90 -11.24 -11.28
C ALA B 249 5.05 -10.26 -11.20
N ILE B 250 4.91 -9.09 -11.84
CA ILE B 250 5.99 -8.11 -11.80
C ILE B 250 6.14 -7.58 -10.38
N THR B 251 5.02 -7.49 -9.65
CA THR B 251 5.09 -7.01 -8.27
C THR B 251 5.89 -8.03 -7.44
N MET B 252 5.70 -9.32 -7.72
CA MET B 252 6.48 -10.34 -6.99
C MET B 252 7.97 -10.25 -7.40
N ALA B 253 8.22 -10.05 -8.70
CA ALA B 253 9.59 -9.94 -9.20
C ALA B 253 10.31 -8.77 -8.55
N GLN B 254 9.62 -7.64 -8.46
CA GLN B 254 10.21 -6.46 -7.84
C GLN B 254 10.46 -6.66 -6.36
N ALA B 255 9.58 -7.40 -5.67
CA ALA B 255 9.80 -7.63 -4.22
C ALA B 255 11.09 -8.41 -4.06
N PHE B 256 11.39 -9.29 -5.00
CA PHE B 256 12.64 -10.06 -4.94
C PHE B 256 13.81 -9.16 -5.31
N LEU B 257 13.74 -8.54 -6.50
CA LEU B 257 14.82 -7.68 -6.99
C LEU B 257 15.28 -6.60 -6.03
N LYS B 258 14.33 -5.94 -5.38
CA LYS B 258 14.66 -4.86 -4.46
C LYS B 258 14.57 -5.26 -2.99
N ASP B 259 14.49 -6.57 -2.73
CA ASP B 259 14.44 -7.07 -1.35
C ASP B 259 13.43 -6.28 -0.50
N GLU B 260 12.19 -6.20 -0.97
CA GLU B 260 11.17 -5.40 -0.28
C GLU B 260 10.52 -6.08 0.90
N LYS B 261 10.46 -7.41 0.87
CA LYS B 261 9.87 -8.20 1.96
C LYS B 261 8.37 -7.92 2.05
N ARG B 262 7.71 -8.08 0.91
CA ARG B 262 6.28 -7.87 0.77
C ARG B 262 5.51 -9.16 1.02
N VAL B 263 4.35 -9.02 1.63
CA VAL B 263 3.48 -10.16 1.87
C VAL B 263 2.70 -10.30 0.56
N LEU B 264 3.02 -11.36 -0.19
CA LEU B 264 2.40 -11.62 -1.49
C LEU B 264 2.07 -13.12 -1.60
N PRO B 265 0.82 -13.50 -1.27
CA PRO B 265 0.35 -14.89 -1.32
C PRO B 265 0.71 -15.49 -2.67
N CYS B 266 1.37 -16.64 -2.67
CA CYS B 266 1.75 -17.27 -3.92
C CYS B 266 1.94 -18.76 -3.70
N SER B 267 2.13 -19.51 -4.78
CA SER B 267 2.29 -20.96 -4.68
C SER B 267 3.71 -21.28 -4.24
N VAL B 268 3.84 -21.83 -3.02
CA VAL B 268 5.13 -22.12 -2.45
C VAL B 268 5.34 -23.57 -2.02
N TYR B 269 6.60 -23.96 -1.95
CA TYR B 269 6.99 -25.32 -1.55
C TYR B 269 6.62 -25.57 -0.10
N CYS B 270 5.83 -26.61 0.15
CA CYS B 270 5.40 -26.94 1.51
C CYS B 270 6.31 -27.93 2.19
N GLN B 271 6.66 -27.63 3.43
CA GLN B 271 7.50 -28.49 4.23
C GLN B 271 6.96 -28.51 5.64
N GLY B 272 5.69 -28.86 5.75
CA GLY B 272 5.06 -28.95 7.06
C GLY B 272 3.92 -27.99 7.31
N GLU B 273 3.91 -26.85 6.62
CA GLU B 273 2.87 -25.87 6.83
C GLU B 273 1.50 -26.44 6.56
N TYR B 274 0.56 -26.12 7.44
CA TYR B 274 -0.80 -26.60 7.30
C TYR B 274 -0.74 -28.14 7.15
N GLY B 275 0.40 -28.72 7.55
CA GLY B 275 0.59 -30.18 7.47
C GLY B 275 0.82 -30.78 6.08
N LEU B 276 1.34 -29.98 5.15
CA LEU B 276 1.55 -30.45 3.78
C LEU B 276 3.02 -30.69 3.45
N HIS B 277 3.30 -31.68 2.61
CA HIS B 277 4.68 -31.99 2.22
C HIS B 277 4.75 -32.32 0.73
N ASP B 278 5.94 -32.10 0.16
CA ASP B 278 6.21 -32.35 -1.25
C ASP B 278 5.12 -31.88 -2.22
N MET B 279 4.87 -30.59 -2.20
CA MET B 279 3.89 -30.04 -3.11
C MET B 279 3.94 -28.54 -2.95
N PHE B 280 3.36 -27.86 -3.93
CA PHE B 280 3.27 -26.40 -3.92
C PHE B 280 1.79 -26.04 -3.85
N ILE B 281 1.46 -25.02 -3.08
CA ILE B 281 0.06 -24.58 -3.06
C ILE B 281 0.09 -23.13 -2.60
N GLY B 282 -0.94 -22.38 -2.95
CA GLY B 282 -0.99 -20.97 -2.57
C GLY B 282 -1.12 -20.73 -1.08
N LEU B 283 -0.17 -19.97 -0.51
CA LEU B 283 -0.20 -19.64 0.92
C LEU B 283 0.32 -18.20 1.07
N PRO B 284 0.01 -17.54 2.20
CA PRO B 284 0.52 -16.17 2.37
C PRO B 284 2.02 -16.32 2.55
N ALA B 285 2.82 -15.46 1.91
CA ALA B 285 4.26 -15.57 2.02
C ALA B 285 4.93 -14.21 1.89
N VAL B 286 6.17 -14.10 2.39
CA VAL B 286 6.94 -12.86 2.31
C VAL B 286 8.04 -13.07 1.28
N ILE B 287 8.06 -12.21 0.27
CA ILE B 287 9.06 -12.27 -0.79
C ILE B 287 10.07 -11.15 -0.63
N GLY B 288 11.35 -11.52 -0.59
CA GLY B 288 12.42 -10.55 -0.45
C GLY B 288 13.63 -11.01 -1.26
N GLY B 289 14.79 -10.41 -0.99
CA GLY B 289 16.01 -10.76 -1.71
C GLY B 289 16.44 -12.20 -1.48
N GLY B 290 15.85 -12.84 -0.47
CA GLY B 290 16.15 -14.23 -0.19
C GLY B 290 15.13 -15.15 -0.86
N GLY B 291 14.34 -14.59 -1.77
CA GLY B 291 13.32 -15.38 -2.46
C GLY B 291 12.11 -15.48 -1.52
N ILE B 292 11.57 -16.69 -1.33
CA ILE B 292 10.44 -16.85 -0.40
C ILE B 292 11.08 -16.89 0.98
N GLU B 293 10.99 -15.78 1.72
CA GLU B 293 11.61 -15.67 3.05
C GLU B 293 10.78 -16.18 4.23
N GLN B 294 9.46 -16.17 4.08
CA GLN B 294 8.58 -16.62 5.15
C GLN B 294 7.33 -17.20 4.53
N VAL B 295 6.78 -18.24 5.15
CA VAL B 295 5.53 -18.79 4.70
C VAL B 295 4.67 -18.68 5.95
N ILE B 296 3.59 -17.91 5.84
CA ILE B 296 2.70 -17.67 6.97
C ILE B 296 1.69 -18.80 7.13
N GLU B 297 1.63 -19.38 8.33
CA GLU B 297 0.70 -20.47 8.61
C GLU B 297 -0.40 -19.92 9.52
N LEU B 298 -1.54 -19.61 8.92
CA LEU B 298 -2.68 -19.06 9.64
C LEU B 298 -3.41 -20.11 10.47
N GLU B 299 -4.00 -19.68 11.59
CA GLU B 299 -4.76 -20.57 12.46
C GLU B 299 -6.17 -20.67 11.85
N LEU B 300 -6.35 -21.55 10.87
CA LEU B 300 -7.64 -21.71 10.22
C LEU B 300 -8.63 -22.43 11.12
N THR B 301 -9.91 -22.09 10.99
CA THR B 301 -10.94 -22.77 11.78
C THR B 301 -11.19 -24.13 11.13
N HIS B 302 -11.93 -25.01 11.80
CA HIS B 302 -12.22 -26.31 11.23
C HIS B 302 -12.90 -26.15 9.87
N GLU B 303 -13.86 -25.24 9.82
CA GLU B 303 -14.62 -24.94 8.61
C GLU B 303 -13.70 -24.48 7.48
N GLU B 304 -12.78 -23.58 7.79
CA GLU B 304 -11.84 -23.10 6.78
C GLU B 304 -10.90 -24.24 6.36
N GLN B 305 -10.54 -25.10 7.31
CA GLN B 305 -9.67 -26.24 7.01
C GLN B 305 -10.35 -27.17 6.01
N GLU B 306 -11.65 -27.39 6.20
CA GLU B 306 -12.41 -28.25 5.30
C GLU B 306 -12.35 -27.68 3.88
N CYS B 307 -12.49 -26.36 3.75
CA CYS B 307 -12.42 -25.74 2.43
C CYS B 307 -11.00 -25.88 1.87
N PHE B 308 -10.01 -25.64 2.71
CA PHE B 308 -8.62 -25.72 2.31
C PHE B 308 -8.23 -27.13 1.88
N ARG B 309 -8.79 -28.12 2.57
CA ARG B 309 -8.52 -29.51 2.26
C ARG B 309 -8.96 -29.85 0.84
N LYS B 310 -10.08 -29.30 0.38
CA LYS B 310 -10.56 -29.54 -0.99
C LYS B 310 -9.54 -28.97 -1.98
N SER B 311 -9.00 -27.80 -1.68
CA SER B 311 -8.00 -27.17 -2.51
C SER B 311 -6.78 -28.09 -2.60
N VAL B 312 -6.38 -28.62 -1.45
CA VAL B 312 -5.24 -29.54 -1.37
C VAL B 312 -5.52 -30.82 -2.17
N ASP B 313 -6.71 -31.38 -2.00
CA ASP B 313 -7.06 -32.59 -2.73
C ASP B 313 -6.97 -32.35 -4.24
N ASP B 314 -7.42 -31.18 -4.68
CA ASP B 314 -7.36 -30.84 -6.10
C ASP B 314 -5.92 -30.84 -6.63
N VAL B 315 -5.01 -30.26 -5.85
CA VAL B 315 -3.60 -30.20 -6.24
C VAL B 315 -3.00 -31.62 -6.25
N VAL B 316 -3.26 -32.39 -5.20
CA VAL B 316 -2.76 -33.76 -5.11
C VAL B 316 -3.21 -34.54 -6.33
N GLU B 317 -4.47 -34.37 -6.72
CA GLU B 317 -5.03 -35.06 -7.88
C GLU B 317 -4.33 -34.67 -9.20
N LEU B 318 -4.06 -33.39 -9.41
CA LEU B 318 -3.36 -32.96 -10.62
C LEU B 318 -1.93 -33.45 -10.62
N ASN B 319 -1.29 -33.41 -9.45
CA ASN B 319 0.08 -33.85 -9.35
C ASN B 319 0.18 -35.35 -9.66
N LYS B 320 -0.89 -36.09 -9.37
CA LYS B 320 -0.91 -37.52 -9.68
C LYS B 320 -1.05 -37.67 -11.19
N SER B 321 -1.93 -36.87 -11.77
CA SER B 321 -2.14 -36.89 -13.22
C SER B 321 -0.82 -36.53 -13.91
N LEU B 322 -0.09 -35.57 -13.32
CA LEU B 322 1.19 -35.14 -13.88
C LEU B 322 2.14 -36.33 -13.82
N ALA B 323 2.10 -37.05 -12.71
CA ALA B 323 2.96 -38.21 -12.52
C ALA B 323 2.67 -39.27 -13.58
N ALA B 324 1.40 -39.46 -13.89
CA ALA B 324 0.99 -40.43 -14.88
C ALA B 324 1.32 -40.01 -16.33
N LEU B 325 2.53 -39.49 -16.53
CA LEU B 325 2.99 -39.06 -17.85
C LEU B 325 4.42 -39.50 -18.12
C1 OXL C . 5.52 16.17 16.69
C2 OXL C . 5.88 14.78 16.35
O1 OXL C . 4.35 16.46 16.87
O2 OXL C . 5.20 13.83 16.78
O3 OXL C . 6.49 17.08 16.69
O4 OXL C . 6.86 14.56 15.61
PA NAD D . 9.09 25.77 11.49
O1A NAD D . 10.10 25.31 10.61
O2A NAD D . 9.55 26.53 12.72
O5B NAD D . 8.11 26.66 10.67
C5B NAD D . 6.88 27.22 11.25
C4B NAD D . 6.73 28.38 10.25
O4B NAD D . 5.46 29.17 10.46
C3B NAD D . 7.85 29.51 10.27
O3B NAD D . 8.27 29.73 8.92
C2B NAD D . 7.13 30.74 10.86
O2B NAD D . 7.60 31.99 10.35
C1B NAD D . 5.70 30.53 10.38
N9A NAD D . 4.75 31.37 11.05
C8A NAD D . 4.65 31.83 12.34
N7A NAD D . 3.60 32.61 12.55
C5A NAD D . 2.98 32.64 11.30
C6A NAD D . 1.81 33.30 10.91
N6A NAD D . 1.02 34.08 11.67
N1A NAD D . 1.42 33.14 9.56
C2A NAD D . 2.16 32.34 8.67
N3A NAD D . 3.31 31.68 9.04
C4A NAD D . 3.69 31.87 10.38
O3 NAD D . 8.21 24.56 12.01
PN NAD D . 7.88 23.09 11.45
O1N NAD D . 8.97 22.14 11.79
O2N NAD D . 7.55 23.30 10.03
O5D NAD D . 6.61 22.70 12.35
C5D NAD D . 5.40 23.49 12.14
C4D NAD D . 4.35 23.09 13.14
O4D NAD D . 3.97 21.70 12.99
C3D NAD D . 4.71 23.23 14.68
O3D NAD D . 3.59 23.74 15.42
C2D NAD D . 5.06 21.80 15.04
O2D NAD D . 5.00 21.55 16.45
C1D NAD D . 4.01 21.09 14.30
N1N NAD D . 4.14 19.64 14.03
C2N NAD D . 3.00 18.81 14.04
C3N NAD D . 3.14 17.47 13.80
C7N NAD D . 1.89 16.60 13.82
O7N NAD D . 2.05 15.39 13.64
N7N NAD D . 0.72 17.15 14.04
C4N NAD D . 4.45 16.88 13.54
C5N NAD D . 5.59 17.75 13.54
C6N NAD D . 5.46 19.14 13.79
C1 OXL E . -6.62 -17.38 -14.93
C2 OXL E . -7.18 -16.23 -14.19
O1 OXL E . -5.96 -18.24 -14.31
O2 OXL E . -7.46 -16.35 -12.98
O3 OXL E . -6.71 -17.39 -16.26
O4 OXL E . -7.34 -15.11 -14.77
PA NAD F . -0.74 -16.42 -24.61
O1A NAD F . -0.96 -15.05 -24.96
O2A NAD F . -1.42 -17.46 -25.45
O5B NAD F . 0.82 -16.69 -24.62
C5B NAD F . 1.42 -17.93 -24.16
C4B NAD F . 2.73 -17.81 -24.96
O4B NAD F . 3.70 -18.92 -24.66
C3B NAD F . 2.62 -17.84 -26.55
O3B NAD F . 3.35 -16.75 -27.10
C2B NAD F . 3.19 -19.20 -26.92
O2B NAD F . 3.77 -19.24 -28.21
C1B NAD F . 4.26 -19.40 -25.86
N9A NAD F . 4.78 -20.75 -25.82
C8A NAD F . 4.19 -22.00 -26.08
N7A NAD F . 5.00 -23.01 -25.96
C5A NAD F . 6.21 -22.41 -25.59
C6A NAD F . 7.46 -23.00 -25.33
N6A NAD F . 7.77 -24.31 -25.37
N1A NAD F . 8.52 -22.14 -24.97
C2A NAD F . 8.32 -20.75 -24.90
N3A NAD F . 7.10 -20.14 -25.16
C4A NAD F . 6.07 -21.01 -25.50
O3 NAD F . -1.15 -16.61 -23.09
PN NAD F . -1.16 -15.62 -21.84
O1N NAD F . -2.39 -14.80 -21.84
O2N NAD F . 0.15 -14.92 -21.85
O5D NAD F . -1.27 -16.68 -20.65
C5D NAD F . -0.07 -17.45 -20.35
C4D NAD F . -0.37 -18.54 -19.35
O4D NAD F . -0.73 -17.99 -18.06
C3D NAD F . -1.55 -19.53 -19.71
O3D NAD F . -1.16 -20.91 -19.40
C2D NAD F . -2.68 -19.02 -18.83
O2D NAD F . -3.66 -20.02 -18.56
C1D NAD F . -1.94 -18.65 -17.61
N1N NAD F . -2.53 -17.69 -16.65
C2N NAD F . -2.24 -17.84 -15.28
C3N NAD F . -2.79 -16.95 -14.38
C7N NAD F . -2.47 -17.16 -12.91
O7N NAD F . -3.00 -16.41 -12.11
N7N NAD F . -1.66 -18.11 -12.56
C4N NAD F . -3.68 -15.86 -14.82
C5N NAD F . -3.93 -15.74 -16.24
C6N NAD F . -3.36 -16.66 -17.19
#